data_6GYF
#
_entry.id   6GYF
#
_cell.length_a   165.090
_cell.length_b   165.090
_cell.length_c   193.050
_cell.angle_alpha   90.00
_cell.angle_beta   90.00
_cell.angle_gamma   120.00
#
_symmetry.space_group_name_H-M   'P 64 2 2'
#
loop_
_entity.id
_entity.type
_entity.pdbx_description
1 polymer 'Nicotinamide-nucleotide adenylyltransferase NadR family / Ribosylnicotinamide kinase'
2 non-polymer 'BETA-NICOTINAMIDE RIBOSE MONOPHOSPHATE'
3 non-polymer 'SULFATE ION'
4 non-polymer 'MAGNESIUM ION'
#
_entity_poly.entity_id   1
_entity_poly.type   'polypeptide(L)'
_entity_poly.pdbx_seq_one_letter_code
;MLTNNISKSKLSGKNIGIYFGTFAPLHTGHQQQIYKCASLNDGVLLVVSGYDNDRGAQIGLPLEKRFRYLREAFNDEENI
KVSMLNENDLPEMPNGWDEWANRLFELIHHNTLENDLSVTFYVGELEYAAELKKRFPADGNQYAVEIADRHDISLSATQI
RENPQEHWTHINRVFRRHFSKVVTVMGSASTGKTTLVRRLARSINAPFSEEYAREYEEAFNIDDDELKMDDYARMITGQY
DANSREVNSPANQGIVFLDTDAIVTRVYAKLYLPKEDFEQLEPLFRKTIADERMDLILVIPPITEYIDDGFRHMEWEESR
HEFHEELMRQLAEFGLLDKVVILDDEGDHRDQEGYLTRYHHAIDAVHEYTGVKIERLSY
;
_entity_poly.pdbx_strand_id   A,B
#
# COMPACT_ATOMS: atom_id res chain seq x y z
N SER A 9 33.10 -4.60 3.51
CA SER A 9 31.73 -4.46 4.01
C SER A 9 31.71 -4.19 5.53
N LYS A 10 32.72 -3.46 6.03
CA LYS A 10 32.79 -3.03 7.42
C LYS A 10 32.63 -1.51 7.51
N LEU A 11 32.35 -1.02 8.73
CA LEU A 11 31.90 0.35 8.98
C LEU A 11 33.08 1.32 9.12
N SER A 12 33.10 2.36 8.28
CA SER A 12 34.17 3.35 8.25
C SER A 12 33.79 4.60 9.05
N GLY A 13 34.80 5.40 9.36
CA GLY A 13 34.60 6.62 10.12
C GLY A 13 35.08 6.48 11.56
N LYS A 14 35.21 7.64 12.23
CA LYS A 14 35.64 7.67 13.63
C LYS A 14 34.48 7.68 14.63
N ASN A 15 33.50 8.57 14.45
CA ASN A 15 32.36 8.68 15.37
C ASN A 15 31.32 7.65 14.95
N ILE A 16 31.25 6.53 15.63
CA ILE A 16 30.24 5.53 15.28
C ILE A 16 29.34 5.30 16.48
N GLY A 17 28.10 4.92 16.20
CA GLY A 17 27.08 4.77 17.23
C GLY A 17 26.50 3.37 17.24
N ILE A 18 26.12 2.92 18.43
CA ILE A 18 25.56 1.59 18.63
C ILE A 18 24.13 1.72 19.12
N TYR A 19 23.21 1.07 18.42
CA TYR A 19 21.79 1.14 18.69
C TYR A 19 21.27 -0.26 18.95
N PHE A 20 20.51 -0.44 20.03
CA PHE A 20 20.03 -1.76 20.37
C PHE A 20 18.54 -1.88 20.09
N GLY A 21 18.09 -3.13 20.00
CA GLY A 21 16.68 -3.41 19.88
C GLY A 21 16.49 -4.90 19.82
N THR A 22 15.27 -5.33 20.16
CA THR A 22 14.82 -6.68 19.84
C THR A 22 14.12 -6.71 18.48
N PHE A 23 13.58 -5.56 18.07
CA PHE A 23 12.98 -5.36 16.74
C PHE A 23 11.95 -6.44 16.42
N ALA A 24 10.90 -6.48 17.22
CA ALA A 24 9.86 -7.51 17.12
C ALA A 24 8.50 -6.83 17.11
N PRO A 25 8.15 -6.08 16.05
CA PRO A 25 8.92 -5.87 14.82
C PRO A 25 9.61 -4.52 14.78
N LEU A 26 10.56 -4.35 13.88
CA LEU A 26 11.01 -3.01 13.52
C LEU A 26 9.82 -2.15 13.07
N HIS A 27 9.77 -0.90 13.52
CA HIS A 27 8.68 -0.02 13.09
C HIS A 27 9.17 1.41 12.98
N THR A 28 8.29 2.30 12.47
CA THR A 28 8.71 3.67 12.15
C THR A 28 9.24 4.41 13.37
N GLY A 29 8.95 3.93 14.58
CA GLY A 29 9.57 4.46 15.77
C GLY A 29 11.06 4.19 15.84
N HIS A 30 11.46 2.91 15.77
CA HIS A 30 12.89 2.57 15.65
C HIS A 30 13.55 3.34 14.50
N GLN A 31 12.96 3.25 13.31
CA GLN A 31 13.56 3.84 12.11
C GLN A 31 13.83 5.32 12.30
N GLN A 32 12.85 6.05 12.80
N GLN A 32 12.84 6.05 12.79
CA GLN A 32 13.04 7.48 12.98
CA GLN A 32 13.04 7.49 13.00
C GLN A 32 14.20 7.77 13.94
C GLN A 32 14.20 7.76 13.95
N GLN A 33 14.38 6.92 14.96
CA GLN A 33 15.54 7.07 15.83
C GLN A 33 16.82 6.65 15.14
N ILE A 34 16.76 5.54 14.39
CA ILE A 34 17.96 5.01 13.76
C ILE A 34 18.53 6.00 12.74
N TYR A 35 17.65 6.60 11.95
CA TYR A 35 18.14 7.59 10.97
C TYR A 35 18.69 8.84 11.65
N LYS A 36 18.13 9.24 12.80
CA LYS A 36 18.72 10.35 13.54
C LYS A 36 20.13 10.00 13.99
N CYS A 37 20.31 8.78 14.50
N CYS A 37 20.30 8.79 14.55
CA CYS A 37 21.63 8.31 14.91
CA CYS A 37 21.62 8.28 14.89
C CYS A 37 22.60 8.25 13.74
C CYS A 37 22.57 8.37 13.70
N ALA A 38 22.09 7.98 12.52
CA ALA A 38 22.97 7.87 11.35
C ALA A 38 23.46 9.23 10.89
N SER A 39 22.67 10.28 11.13
CA SER A 39 23.03 11.63 10.75
C SER A 39 24.01 12.26 11.72
N LEU A 40 24.15 11.70 12.92
CA LEU A 40 25.05 12.24 13.94
C LEU A 40 26.38 11.53 14.05
N ASN A 41 26.47 10.31 13.51
CA ASN A 41 27.69 9.55 13.52
C ASN A 41 28.11 9.26 12.08
N ASP A 42 29.35 8.81 11.98
CA ASP A 42 29.87 8.38 10.68
C ASP A 42 29.27 7.04 10.31
N GLY A 43 28.90 6.23 11.31
CA GLY A 43 28.30 4.93 11.06
C GLY A 43 27.54 4.43 12.27
N VAL A 44 26.64 3.49 12.01
CA VAL A 44 25.76 2.94 13.03
C VAL A 44 25.79 1.43 12.95
N LEU A 45 25.97 0.79 14.09
CA LEU A 45 25.81 -0.66 14.21
C LEU A 45 24.50 -0.92 14.94
N LEU A 46 23.52 -1.51 14.26
CA LEU A 46 22.33 -2.03 14.91
C LEU A 46 22.65 -3.36 15.56
N VAL A 47 22.22 -3.56 16.79
CA VAL A 47 22.45 -4.80 17.52
C VAL A 47 21.09 -5.38 17.93
N VAL A 48 20.74 -6.51 17.34
CA VAL A 48 19.53 -7.26 17.66
C VAL A 48 19.85 -8.28 18.74
N SER A 49 19.11 -8.25 19.84
CA SER A 49 19.27 -9.25 20.88
C SER A 49 18.09 -10.23 20.87
N GLY A 50 18.33 -11.41 21.42
CA GLY A 50 17.29 -12.42 21.51
C GLY A 50 17.78 -13.67 22.20
N TYR A 51 16.80 -14.49 22.60
CA TYR A 51 17.02 -15.77 23.28
C TYR A 51 15.81 -16.63 22.95
N ASP A 52 15.99 -17.95 23.08
CA ASP A 52 14.93 -18.86 22.70
C ASP A 52 13.65 -18.55 23.49
N ASN A 53 12.52 -18.56 22.78
CA ASN A 53 11.20 -18.38 23.38
C ASN A 53 11.00 -16.97 23.96
N ASP A 54 11.71 -15.97 23.45
CA ASP A 54 11.54 -14.62 23.96
C ASP A 54 10.26 -14.01 23.40
N ARG A 55 10.01 -12.76 23.78
CA ARG A 55 8.77 -12.09 23.40
C ARG A 55 8.55 -12.17 21.89
N GLY A 56 9.62 -11.95 21.11
CA GLY A 56 9.51 -12.04 19.66
C GLY A 56 9.38 -13.45 19.15
N ALA A 57 10.08 -14.41 19.77
CA ALA A 57 10.05 -15.79 19.30
C ALA A 57 8.68 -16.40 19.46
N GLN A 58 7.92 -15.93 20.44
CA GLN A 58 6.59 -16.46 20.70
C GLN A 58 5.54 -16.01 19.69
N ILE A 59 5.84 -15.03 18.85
CA ILE A 59 4.94 -14.68 17.76
C ILE A 59 5.56 -15.06 16.42
N GLY A 60 6.58 -15.93 16.43
CA GLY A 60 7.18 -16.41 15.20
C GLY A 60 8.26 -15.53 14.62
N LEU A 61 8.93 -14.70 15.42
CA LEU A 61 10.06 -13.89 14.98
C LEU A 61 11.24 -14.17 15.90
N PRO A 62 11.82 -15.37 15.82
CA PRO A 62 13.02 -15.64 16.60
C PRO A 62 14.13 -14.68 16.22
N LEU A 63 15.18 -14.70 17.01
CA LEU A 63 16.33 -13.83 16.77
C LEU A 63 16.85 -13.95 15.33
N GLU A 64 16.99 -15.18 14.83
CA GLU A 64 17.53 -15.37 13.48
C GLU A 64 16.67 -14.70 12.42
N LYS A 65 15.36 -14.95 12.46
CA LYS A 65 14.47 -14.34 11.48
C LYS A 65 14.48 -12.82 11.61
N ARG A 66 14.49 -12.30 12.85
CA ARG A 66 14.53 -10.84 13.03
C ARG A 66 15.82 -10.25 12.49
N PHE A 67 16.94 -10.93 12.69
CA PHE A 67 18.23 -10.48 12.17
C PHE A 67 18.25 -10.43 10.64
N ARG A 68 17.71 -11.46 9.98
CA ARG A 68 17.67 -11.47 8.51
C ARG A 68 16.77 -10.36 7.96
N TYR A 69 15.59 -10.19 8.56
CA TYR A 69 14.69 -9.11 8.15
C TYR A 69 15.36 -7.74 8.30
N LEU A 70 16.11 -7.55 9.38
CA LEU A 70 16.82 -6.29 9.59
C LEU A 70 17.88 -6.07 8.51
N ARG A 71 18.67 -7.11 8.21
CA ARG A 71 19.65 -6.97 7.16
C ARG A 71 18.98 -6.58 5.85
N GLU A 72 17.82 -7.17 5.57
CA GLU A 72 17.10 -6.83 4.34
C GLU A 72 16.57 -5.40 4.40
N ALA A 73 16.07 -4.99 5.57
CA ALA A 73 15.49 -3.65 5.71
C ALA A 73 16.53 -2.54 5.57
N PHE A 74 17.81 -2.84 5.87
CA PHE A 74 18.90 -1.87 5.75
C PHE A 74 19.97 -2.34 4.75
N ASN A 75 19.56 -3.06 3.69
CA ASN A 75 20.46 -3.44 2.59
C ASN A 75 20.87 -2.25 1.74
N ASP A 76 20.30 -1.10 2.02
CA ASP A 76 20.39 0.11 1.23
C ASP A 76 21.38 1.13 1.78
N GLU A 77 21.96 0.90 2.96
CA GLU A 77 22.62 1.95 3.72
C GLU A 77 24.13 1.78 3.70
N GLU A 78 24.82 2.80 3.22
CA GLU A 78 26.28 2.75 3.18
C GLU A 78 26.85 2.51 4.58
N ASN A 79 26.28 3.17 5.60
CA ASN A 79 26.90 3.28 6.92
C ASN A 79 26.03 2.71 8.05
N ILE A 80 25.23 1.68 7.77
CA ILE A 80 24.43 1.03 8.80
C ILE A 80 24.59 -0.48 8.66
N LYS A 81 25.21 -1.12 9.68
CA LYS A 81 25.41 -2.56 9.74
C LYS A 81 24.50 -3.17 10.80
N VAL A 82 23.94 -4.34 10.51
CA VAL A 82 23.07 -5.09 11.43
C VAL A 82 23.86 -6.25 12.01
N SER A 83 23.82 -6.41 13.34
CA SER A 83 24.56 -7.48 14.02
C SER A 83 23.68 -8.22 15.01
N MET A 84 24.07 -9.46 15.29
CA MET A 84 23.34 -10.34 16.18
C MET A 84 24.10 -10.44 17.50
N LEU A 85 23.40 -10.25 18.62
CA LEU A 85 23.94 -10.48 19.96
C LEU A 85 23.16 -11.63 20.59
N ASN A 86 23.75 -12.83 20.53
CA ASN A 86 23.08 -14.06 20.95
C ASN A 86 23.17 -14.15 22.47
N GLU A 87 22.03 -13.97 23.16
CA GLU A 87 22.00 -13.96 24.61
C GLU A 87 21.71 -15.33 25.21
N ASN A 88 21.85 -16.42 24.44
CA ASN A 88 21.78 -17.76 24.99
C ASN A 88 23.06 -18.09 25.78
N ASP A 89 22.88 -18.77 26.93
CA ASP A 89 23.94 -19.12 27.87
C ASP A 89 24.50 -17.89 28.58
N LEU A 90 23.81 -17.40 29.60
CA LEU A 90 24.32 -16.23 30.33
C LEU A 90 24.60 -16.50 31.83
N GLY A 96 27.44 -12.75 35.30
CA GLY A 96 27.05 -13.12 33.95
C GLY A 96 26.88 -11.98 32.94
N TRP A 97 27.02 -10.74 33.39
CA TRP A 97 27.06 -9.60 32.49
C TRP A 97 28.36 -9.57 31.71
N ASP A 98 29.44 -10.05 32.35
CA ASP A 98 30.78 -10.00 31.78
C ASP A 98 30.85 -10.69 30.42
N GLU A 99 30.31 -11.90 30.33
CA GLU A 99 30.37 -12.61 29.05
C GLU A 99 29.46 -11.94 28.04
N TRP A 100 28.34 -11.37 28.49
CA TRP A 100 27.48 -10.60 27.59
C TRP A 100 28.26 -9.46 26.95
N ALA A 101 28.98 -8.67 27.76
CA ALA A 101 29.77 -7.56 27.23
C ALA A 101 30.92 -8.04 26.34
N ASN A 102 31.55 -9.18 26.69
CA ASN A 102 32.59 -9.73 25.82
C ASN A 102 32.09 -9.87 24.39
N ARG A 103 30.89 -10.43 24.23
CA ARG A 103 30.32 -10.62 22.90
C ARG A 103 30.02 -9.28 22.25
N LEU A 104 29.53 -8.32 23.02
CA LEU A 104 29.15 -7.03 22.47
C LEU A 104 30.36 -6.28 21.94
N PHE A 105 31.46 -6.30 22.68
CA PHE A 105 32.64 -5.63 22.17
C PHE A 105 33.31 -6.46 21.09
N GLU A 106 33.10 -7.78 21.12
CA GLU A 106 33.54 -8.62 20.00
C GLU A 106 32.79 -8.23 18.73
N LEU A 107 31.48 -7.98 18.84
CA LEU A 107 30.72 -7.44 17.72
C LEU A 107 31.29 -6.12 17.23
N ILE A 108 31.58 -5.20 18.15
CA ILE A 108 32.06 -3.90 17.74
C ILE A 108 33.42 -4.02 17.05
N HIS A 109 34.32 -4.82 17.63
CA HIS A 109 35.66 -4.95 17.08
C HIS A 109 35.62 -5.52 15.67
N HIS A 110 34.81 -6.56 15.46
CA HIS A 110 34.75 -7.24 14.17
C HIS A 110 34.04 -6.42 13.09
N ASN A 111 33.06 -5.61 13.45
CA ASN A 111 32.26 -4.89 12.48
C ASN A 111 32.73 -3.45 12.23
N THR A 112 33.89 -3.07 12.76
CA THR A 112 34.43 -1.73 12.54
C THR A 112 35.75 -1.79 11.77
N LEU A 113 36.07 -0.67 11.14
CA LEU A 113 37.24 -0.59 10.28
C LEU A 113 38.44 0.08 10.91
N GLU A 114 38.25 1.04 11.82
CA GLU A 114 39.33 1.89 12.30
C GLU A 114 39.56 1.71 13.79
N ASN A 115 40.60 2.37 14.29
CA ASN A 115 40.87 2.51 15.72
C ASN A 115 40.55 3.95 16.13
N ASP A 116 40.74 4.24 17.42
CA ASP A 116 40.50 5.58 17.95
C ASP A 116 39.06 6.04 17.72
N LEU A 117 38.11 5.14 17.98
CA LEU A 117 36.71 5.42 17.76
C LEU A 117 36.13 6.26 18.88
N SER A 118 35.12 7.06 18.54
CA SER A 118 34.24 7.66 19.54
C SER A 118 32.93 6.89 19.44
N VAL A 119 32.78 5.88 20.30
CA VAL A 119 31.62 5.01 20.28
C VAL A 119 30.61 5.53 21.29
N THR A 120 29.36 5.68 20.84
CA THR A 120 28.26 6.10 21.68
C THR A 120 27.23 4.97 21.68
N PHE A 121 26.96 4.40 22.84
CA PHE A 121 25.87 3.45 22.98
C PHE A 121 24.54 4.18 23.20
N TYR A 122 23.49 3.71 22.54
CA TYR A 122 22.16 4.25 22.72
C TYR A 122 21.29 3.17 23.37
N VAL A 123 21.02 3.33 24.65
CA VAL A 123 20.44 2.32 25.53
C VAL A 123 19.16 2.85 26.16
N GLY A 124 18.18 1.97 26.37
CA GLY A 124 16.90 2.39 26.91
C GLY A 124 16.48 1.95 28.31
N GLU A 125 17.30 1.14 28.98
CA GLU A 125 16.98 0.64 30.31
C GLU A 125 18.14 0.96 31.24
N LEU A 126 17.81 1.44 32.45
CA LEU A 126 18.85 1.95 33.34
C LEU A 126 19.80 0.85 33.80
N GLU A 127 19.30 -0.38 33.94
CA GLU A 127 20.15 -1.50 34.31
C GLU A 127 21.26 -1.72 33.28
N TYR A 128 20.92 -1.65 31.98
CA TYR A 128 21.90 -1.90 30.93
C TYR A 128 22.98 -0.82 30.88
N ALA A 129 22.58 0.44 30.84
CA ALA A 129 23.57 1.51 30.85
C ALA A 129 24.49 1.42 32.06
N ALA A 130 23.94 1.05 33.21
CA ALA A 130 24.72 1.01 34.45
C ALA A 130 25.77 -0.09 34.41
N GLU A 131 25.40 -1.28 33.93
CA GLU A 131 26.34 -2.40 33.87
C GLU A 131 27.30 -2.27 32.69
N LEU A 132 26.96 -1.43 31.71
CA LEU A 132 27.85 -1.22 30.56
C LEU A 132 28.98 -0.26 30.89
N LYS A 133 28.70 0.82 31.63
CA LYS A 133 29.72 1.82 31.97
C LYS A 133 30.86 1.21 32.77
N LYS A 134 30.57 0.19 33.58
CA LYS A 134 31.58 -0.48 34.40
C LYS A 134 32.61 -1.22 33.58
N ARG A 135 32.33 -1.46 32.29
CA ARG A 135 33.04 -2.47 31.50
C ARG A 135 33.56 -1.94 30.16
N PHE A 136 33.93 -0.66 30.08
CA PHE A 136 34.63 -0.21 28.87
C PHE A 136 36.02 -0.80 28.87
N PRO A 137 36.42 -1.56 27.85
CA PRO A 137 37.79 -2.08 27.81
C PRO A 137 38.76 -1.03 27.28
N ALA A 138 40.03 -1.20 27.67
CA ALA A 138 41.09 -0.27 27.30
C ALA A 138 41.67 -0.70 25.95
N ASP A 139 40.93 -0.36 24.89
CA ASP A 139 41.26 -0.75 23.52
C ASP A 139 41.48 0.45 22.59
N GLY A 140 41.86 1.61 23.14
CA GLY A 140 42.07 2.80 22.34
C GLY A 140 40.82 3.57 21.92
N ASN A 141 39.62 3.09 22.28
CA ASN A 141 38.36 3.75 21.94
C ASN A 141 37.82 4.59 23.09
N GLN A 142 37.12 5.67 22.72
CA GLN A 142 36.40 6.51 23.67
C GLN A 142 34.94 6.05 23.67
N TYR A 143 34.45 5.61 24.83
CA TYR A 143 33.11 5.07 24.98
C TYR A 143 32.23 6.00 25.81
N ALA A 144 31.00 6.18 25.35
CA ALA A 144 30.00 6.92 26.11
C ALA A 144 28.70 6.15 26.02
N VAL A 145 27.91 6.20 27.09
CA VAL A 145 26.60 5.59 27.12
C VAL A 145 25.56 6.68 27.23
N GLU A 146 24.61 6.65 26.32
CA GLU A 146 23.55 7.64 26.26
C GLU A 146 22.22 6.95 26.49
N ILE A 147 21.43 7.48 27.44
CA ILE A 147 20.12 6.92 27.78
C ILE A 147 19.10 7.44 26.76
N ALA A 148 18.15 6.59 26.39
CA ALA A 148 17.09 6.99 25.48
C ALA A 148 15.75 6.53 26.05
N ASP A 149 14.76 7.41 26.05
CA ASP A 149 13.43 6.99 26.48
C ASP A 149 12.89 6.16 25.34
N ARG A 150 12.89 4.85 25.53
CA ARG A 150 12.31 3.90 24.58
C ARG A 150 10.95 3.42 25.00
N HIS A 151 10.31 4.09 25.97
CA HIS A 151 8.97 3.67 26.34
C HIS A 151 8.03 3.67 25.15
N ASP A 152 7.97 4.77 24.41
CA ASP A 152 6.99 4.84 23.34
C ASP A 152 7.30 3.85 22.22
N ILE A 153 8.59 3.57 21.98
CA ILE A 153 8.96 2.60 20.96
C ILE A 153 8.58 1.19 21.40
N SER A 154 8.83 0.86 22.66
CA SER A 154 8.55 -0.49 23.13
C SER A 154 7.06 -0.74 23.25
N LEU A 155 6.31 0.27 23.71
CA LEU A 155 4.87 0.15 23.75
C LEU A 155 4.30 -0.02 22.35
N SER A 156 4.84 0.72 21.37
CA SER A 156 4.39 0.57 19.98
C SER A 156 4.63 -0.84 19.48
N ALA A 157 5.82 -1.39 19.72
CA ALA A 157 6.11 -2.74 19.27
C ALA A 157 5.20 -3.75 19.96
N THR A 158 4.81 -3.47 21.20
CA THR A 158 3.88 -4.35 21.90
C THR A 158 2.49 -4.25 21.29
N GLN A 159 2.05 -3.02 21.01
CA GLN A 159 0.74 -2.83 20.38
C GLN A 159 0.67 -3.50 19.02
N ILE A 160 1.77 -3.45 18.25
CA ILE A 160 1.81 -4.06 16.93
C ILE A 160 1.64 -5.57 17.03
N ARG A 161 2.40 -6.20 17.92
CA ARG A 161 2.24 -7.65 18.11
C ARG A 161 0.83 -8.01 18.57
N GLU A 162 0.19 -7.12 19.36
CA GLU A 162 -1.15 -7.41 19.87
C GLU A 162 -2.22 -7.25 18.80
N ASN A 163 -2.06 -6.27 17.91
CA ASN A 163 -3.04 -6.06 16.85
C ASN A 163 -2.31 -5.42 15.66
N PRO A 164 -1.72 -6.23 14.79
CA PRO A 164 -0.92 -5.68 13.68
C PRO A 164 -1.73 -4.86 12.70
N GLN A 165 -2.99 -5.27 12.46
CA GLN A 165 -3.80 -4.57 11.48
C GLN A 165 -4.04 -3.12 11.89
N GLU A 166 -4.09 -2.84 13.20
CA GLU A 166 -4.38 -1.49 13.67
C GLU A 166 -3.19 -0.55 13.50
N HIS A 167 -1.97 -1.08 13.53
CA HIS A 167 -0.77 -0.27 13.43
C HIS A 167 0.05 -0.62 12.18
N TRP A 168 -0.63 -1.14 11.16
CA TRP A 168 0.03 -1.75 10.02
C TRP A 168 1.01 -0.80 9.33
N THR A 169 0.56 0.42 9.02
CA THR A 169 1.39 1.39 8.31
C THR A 169 2.71 1.66 8.98
N HIS A 170 2.83 1.37 10.27
CA HIS A 170 4.05 1.64 11.01
C HIS A 170 5.02 0.48 10.99
N ILE A 171 4.54 -0.73 10.67
CA ILE A 171 5.43 -1.88 10.58
C ILE A 171 6.34 -1.72 9.37
N ASN A 172 7.64 -1.89 9.59
CA ASN A 172 8.59 -1.91 8.49
C ASN A 172 8.21 -2.96 7.46
N ARG A 173 8.25 -2.58 6.19
CA ARG A 173 7.67 -3.40 5.13
C ARG A 173 8.21 -4.84 5.11
N VAL A 174 9.50 -5.03 5.37
CA VAL A 174 10.05 -6.39 5.43
C VAL A 174 9.30 -7.23 6.45
N PHE A 175 8.96 -6.65 7.60
CA PHE A 175 8.28 -7.41 8.63
C PHE A 175 6.80 -7.63 8.31
N ARG A 176 6.23 -6.85 7.38
CA ARG A 176 4.81 -6.98 7.11
C ARG A 176 4.48 -8.35 6.57
N ARG A 177 5.43 -8.96 5.84
CA ARG A 177 5.33 -10.31 5.29
C ARG A 177 4.74 -11.26 6.31
N HIS A 178 5.14 -11.12 7.58
CA HIS A 178 4.81 -12.03 8.68
C HIS A 178 3.50 -11.74 9.40
N PHE A 179 3.04 -10.49 9.42
CA PHE A 179 1.90 -10.12 10.24
C PHE A 179 0.59 -10.06 9.48
N SER A 180 0.59 -10.44 8.20
CA SER A 180 -0.62 -10.33 7.40
C SER A 180 -1.64 -11.41 7.76
N LYS A 181 -2.89 -10.98 7.95
CA LYS A 181 -4.00 -11.91 7.95
C LYS A 181 -4.20 -12.47 6.54
N VAL A 182 -4.63 -13.73 6.46
CA VAL A 182 -4.77 -14.43 5.21
C VAL A 182 -6.15 -15.08 5.16
N VAL A 183 -6.94 -14.72 4.16
CA VAL A 183 -8.21 -15.39 3.89
C VAL A 183 -8.04 -16.18 2.59
N THR A 184 -8.41 -17.45 2.61
CA THR A 184 -8.32 -18.28 1.43
C THR A 184 -9.71 -18.77 1.06
N VAL A 185 -10.07 -18.63 -0.21
CA VAL A 185 -11.37 -19.10 -0.71
C VAL A 185 -11.15 -20.42 -1.43
N MET A 186 -11.98 -21.42 -1.12
CA MET A 186 -11.79 -22.77 -1.63
C MET A 186 -13.10 -23.30 -2.19
N GLY A 187 -13.01 -24.04 -3.28
CA GLY A 187 -14.17 -24.67 -3.87
C GLY A 187 -13.93 -25.07 -5.30
N SER A 188 -14.79 -25.97 -5.79
CA SER A 188 -14.68 -26.40 -7.18
C SER A 188 -14.94 -25.21 -8.09
N ALA A 189 -14.54 -25.35 -9.34
CA ALA A 189 -14.68 -24.25 -10.29
C ALA A 189 -16.13 -24.06 -10.71
N SER A 190 -16.37 -22.91 -11.34
CA SER A 190 -17.69 -22.48 -11.80
C SER A 190 -18.70 -22.53 -10.66
N THR A 191 -18.26 -22.06 -9.48
CA THR A 191 -19.09 -21.97 -8.29
C THR A 191 -19.13 -20.56 -7.73
N GLY A 192 -18.44 -19.61 -8.37
CA GLY A 192 -18.44 -18.21 -7.95
C GLY A 192 -17.22 -17.69 -7.21
N LYS A 193 -16.18 -18.52 -7.00
CA LYS A 193 -15.04 -18.08 -6.19
C LYS A 193 -14.43 -16.79 -6.72
N THR A 194 -14.31 -16.67 -8.03
CA THR A 194 -13.54 -15.55 -8.53
C THR A 194 -14.29 -14.25 -8.28
N THR A 195 -15.60 -14.25 -8.54
CA THR A 195 -16.42 -13.09 -8.21
C THR A 195 -16.35 -12.80 -6.72
N LEU A 196 -16.38 -13.84 -5.88
CA LEU A 196 -16.36 -13.66 -4.43
C LEU A 196 -15.04 -13.07 -3.94
N VAL A 197 -13.92 -13.68 -4.34
CA VAL A 197 -12.60 -13.18 -3.97
C VAL A 197 -12.47 -11.71 -4.37
N ARG A 198 -12.84 -11.38 -5.62
CA ARG A 198 -12.70 -10.00 -6.06
C ARG A 198 -13.50 -9.05 -5.16
N ARG A 199 -14.77 -9.39 -4.89
CA ARG A 199 -15.65 -8.45 -4.17
C ARG A 199 -15.28 -8.37 -2.69
N LEU A 200 -14.90 -9.49 -2.07
CA LEU A 200 -14.38 -9.43 -0.71
C LEU A 200 -13.18 -8.49 -0.62
N ALA A 201 -12.16 -8.71 -1.45
CA ALA A 201 -10.96 -7.90 -1.36
C ALA A 201 -11.23 -6.43 -1.69
N ARG A 202 -12.04 -6.18 -2.72
CA ARG A 202 -12.36 -4.79 -3.03
C ARG A 202 -13.15 -4.12 -1.91
N SER A 203 -13.89 -4.89 -1.11
CA SER A 203 -14.65 -4.30 0.00
C SER A 203 -13.75 -3.55 0.97
N ILE A 204 -12.55 -4.06 1.20
CA ILE A 204 -11.69 -3.46 2.22
C ILE A 204 -10.39 -2.96 1.63
N ASN A 205 -10.36 -2.72 0.31
CA ASN A 205 -9.17 -2.21 -0.40
C ASN A 205 -7.98 -3.17 -0.27
N ALA A 206 -8.27 -4.46 -0.21
CA ALA A 206 -7.34 -5.55 -0.03
C ALA A 206 -6.84 -6.13 -1.35
N PRO A 207 -5.62 -6.67 -1.35
CA PRO A 207 -5.14 -7.38 -2.53
C PRO A 207 -5.66 -8.80 -2.55
N PHE A 208 -5.68 -9.38 -3.75
CA PHE A 208 -6.17 -10.74 -3.91
C PHE A 208 -5.40 -11.43 -5.01
N SER A 209 -5.42 -12.75 -4.97
CA SER A 209 -4.77 -13.56 -5.97
C SER A 209 -5.79 -14.16 -6.93
N GLU A 210 -5.27 -14.65 -8.04
CA GLU A 210 -6.06 -15.29 -9.07
C GLU A 210 -5.88 -16.80 -8.96
N GLU A 211 -6.90 -17.56 -9.35
CA GLU A 211 -6.70 -18.99 -9.47
C GLU A 211 -5.64 -19.27 -10.54
N TYR A 212 -4.54 -19.92 -10.14
CA TYR A 212 -3.43 -20.12 -11.05
C TYR A 212 -3.76 -21.18 -12.09
N ALA A 213 -4.53 -22.20 -11.70
CA ALA A 213 -4.89 -23.24 -12.66
C ALA A 213 -5.61 -22.64 -13.86
N ARG A 214 -6.45 -21.64 -13.62
CA ARG A 214 -7.05 -20.92 -14.75
C ARG A 214 -5.97 -20.37 -15.67
N GLU A 215 -4.97 -19.67 -15.13
CA GLU A 215 -3.98 -19.02 -15.96
C GLU A 215 -3.05 -20.04 -16.60
N TYR A 216 -2.72 -21.10 -15.87
CA TYR A 216 -1.92 -22.16 -16.44
C TYR A 216 -2.62 -22.77 -17.65
N GLU A 217 -3.91 -23.08 -17.50
CA GLU A 217 -4.66 -23.75 -18.57
C GLU A 217 -4.87 -22.84 -19.76
N GLU A 218 -4.88 -21.52 -19.56
CA GLU A 218 -4.98 -20.63 -20.71
C GLU A 218 -3.65 -20.49 -21.42
N ALA A 219 -2.58 -20.22 -20.68
CA ALA A 219 -1.27 -20.05 -21.27
C ALA A 219 -0.78 -21.31 -21.97
N PHE A 220 -1.07 -22.48 -21.42
CA PHE A 220 -0.59 -23.73 -22.01
C PHE A 220 -1.66 -24.43 -22.83
N ASN A 221 -2.88 -23.89 -22.84
CA ASN A 221 -3.92 -24.28 -23.78
C ASN A 221 -4.27 -25.75 -23.61
N ILE A 222 -4.59 -26.14 -22.37
CA ILE A 222 -4.96 -27.52 -22.04
C ILE A 222 -6.17 -27.52 -21.11
N ASP A 223 -7.00 -28.57 -21.24
CA ASP A 223 -8.22 -28.75 -20.47
C ASP A 223 -7.94 -29.58 -19.24
N ASP A 224 -8.94 -29.69 -18.35
CA ASP A 224 -8.70 -30.33 -17.05
C ASP A 224 -8.24 -31.76 -17.21
N ASP A 225 -8.90 -32.53 -18.10
CA ASP A 225 -8.55 -33.94 -18.32
C ASP A 225 -7.18 -34.11 -18.98
N GLU A 226 -6.59 -33.05 -19.54
CA GLU A 226 -5.29 -33.21 -20.18
C GLU A 226 -4.15 -33.02 -19.19
N LEU A 227 -4.41 -32.57 -17.97
CA LEU A 227 -3.35 -32.37 -16.99
C LEU A 227 -2.72 -33.70 -16.60
N LYS A 228 -1.39 -33.72 -16.57
CA LYS A 228 -0.62 -34.85 -16.07
C LYS A 228 0.04 -34.46 -14.75
N MET A 229 0.79 -35.39 -14.17
CA MET A 229 1.42 -35.12 -12.89
C MET A 229 2.24 -33.84 -12.91
N ASP A 230 3.16 -33.71 -13.88
N ASP A 230 3.15 -33.71 -13.89
CA ASP A 230 4.05 -32.56 -13.89
CA ASP A 230 4.06 -32.58 -13.93
C ASP A 230 3.29 -31.24 -13.95
C ASP A 230 3.31 -31.24 -14.03
N ASP A 231 2.05 -31.25 -14.46
CA ASP A 231 1.25 -30.03 -14.47
C ASP A 231 0.79 -29.67 -13.06
N TYR A 232 0.30 -30.66 -12.31
CA TYR A 232 -0.05 -30.42 -10.91
C TYR A 232 1.16 -29.90 -10.16
N ALA A 233 2.32 -30.57 -10.33
CA ALA A 233 3.53 -30.09 -9.69
C ALA A 233 3.73 -28.60 -9.97
N ARG A 234 3.61 -28.22 -11.25
N ARG A 234 3.60 -28.21 -11.24
CA ARG A 234 3.77 -26.83 -11.64
CA ARG A 234 3.79 -26.82 -11.62
C ARG A 234 2.74 -25.93 -10.95
C ARG A 234 2.72 -25.90 -11.02
N MET A 235 1.49 -26.41 -10.82
CA MET A 235 0.43 -25.58 -10.23
C MET A 235 0.63 -25.39 -8.72
N ILE A 236 1.17 -26.39 -8.03
CA ILE A 236 1.45 -26.24 -6.60
C ILE A 236 2.37 -25.06 -6.37
N THR A 237 3.58 -25.12 -6.92
CA THR A 237 4.54 -24.02 -6.68
C THR A 237 4.06 -22.74 -7.34
N GLY A 238 3.30 -22.84 -8.44
CA GLY A 238 2.87 -21.65 -9.14
C GLY A 238 1.78 -20.89 -8.42
N GLN A 239 0.82 -21.62 -7.84
CA GLN A 239 -0.22 -20.99 -7.03
C GLN A 239 0.36 -20.41 -5.74
N TYR A 240 1.30 -21.13 -5.14
CA TYR A 240 1.92 -20.64 -3.91
C TYR A 240 2.68 -19.35 -4.18
N ASP A 241 3.50 -19.32 -5.24
CA ASP A 241 4.20 -18.09 -5.58
C ASP A 241 3.22 -16.94 -5.75
N ALA A 242 2.10 -17.19 -6.43
CA ALA A 242 1.14 -16.12 -6.68
C ALA A 242 0.52 -15.62 -5.38
N ASN A 243 0.14 -16.55 -4.52
CA ASN A 243 -0.42 -16.15 -3.23
C ASN A 243 0.63 -15.45 -2.38
N SER A 244 1.86 -15.99 -2.35
CA SER A 244 2.96 -15.33 -1.68
C SER A 244 3.22 -13.93 -2.24
N ARG A 245 2.97 -13.74 -3.53
CA ARG A 245 3.21 -12.42 -4.10
C ARG A 245 2.22 -11.41 -3.55
N GLU A 246 0.96 -11.85 -3.35
CA GLU A 246 -0.06 -10.96 -2.81
C GLU A 246 0.17 -10.72 -1.32
N VAL A 247 0.45 -11.79 -0.57
CA VAL A 247 0.76 -11.65 0.86
C VAL A 247 1.83 -10.57 1.08
N ASN A 248 2.83 -10.51 0.20
CA ASN A 248 3.95 -9.59 0.32
C ASN A 248 3.78 -8.32 -0.53
N SER A 249 2.60 -8.09 -1.09
CA SER A 249 2.41 -6.93 -1.95
C SER A 249 2.53 -5.64 -1.15
N PRO A 250 3.13 -4.60 -1.74
CA PRO A 250 3.08 -3.26 -1.11
C PRO A 250 1.67 -2.72 -1.00
N ALA A 251 0.70 -3.30 -1.72
CA ALA A 251 -0.69 -2.88 -1.58
C ALA A 251 -1.38 -3.51 -0.37
N ASN A 252 -0.74 -4.48 0.27
CA ASN A 252 -1.35 -5.16 1.41
C ASN A 252 -1.49 -4.18 2.57
N GLN A 253 -2.70 -4.08 3.10
CA GLN A 253 -3.00 -3.19 4.20
C GLN A 253 -3.15 -3.91 5.53
N GLY A 254 -3.01 -5.24 5.54
CA GLY A 254 -3.13 -6.06 6.73
C GLY A 254 -3.88 -7.36 6.49
N ILE A 255 -4.66 -7.40 5.41
CA ILE A 255 -5.47 -8.56 5.06
C ILE A 255 -5.33 -8.80 3.56
N VAL A 256 -5.07 -10.06 3.16
CA VAL A 256 -5.08 -10.45 1.75
C VAL A 256 -6.03 -11.62 1.59
N PHE A 257 -6.55 -11.76 0.38
CA PHE A 257 -7.49 -12.81 0.00
C PHE A 257 -6.87 -13.66 -1.10
N LEU A 258 -6.96 -14.98 -0.94
CA LEU A 258 -6.30 -15.90 -1.84
C LEU A 258 -7.32 -16.82 -2.48
N ASP A 259 -7.29 -16.90 -3.82
CA ASP A 259 -8.20 -17.75 -4.61
C ASP A 259 -7.58 -19.14 -4.75
N THR A 260 -7.90 -20.03 -3.81
CA THR A 260 -7.41 -21.40 -3.71
C THR A 260 -5.94 -21.47 -3.28
N ASP A 261 -5.49 -22.69 -2.98
CA ASP A 261 -4.19 -22.93 -2.39
C ASP A 261 -3.75 -24.32 -2.82
N ALA A 262 -2.79 -24.90 -2.08
CA ALA A 262 -2.32 -26.26 -2.37
C ALA A 262 -3.37 -27.31 -2.02
N ILE A 263 -4.15 -27.11 -0.96
CA ILE A 263 -5.15 -28.11 -0.58
C ILE A 263 -6.15 -28.32 -1.70
N VAL A 264 -6.65 -27.22 -2.28
CA VAL A 264 -7.55 -27.33 -3.44
C VAL A 264 -6.90 -28.18 -4.52
N THR A 265 -5.69 -27.78 -4.95
CA THR A 265 -4.98 -28.56 -5.95
C THR A 265 -4.83 -30.02 -5.51
N ARG A 266 -4.51 -30.23 -4.23
CA ARG A 266 -4.32 -31.60 -3.75
C ARG A 266 -5.62 -32.40 -3.75
N VAL A 267 -6.76 -31.73 -3.69
CA VAL A 267 -8.02 -32.44 -3.82
C VAL A 267 -8.22 -32.89 -5.26
N TYR A 268 -7.98 -31.99 -6.21
CA TYR A 268 -8.11 -32.38 -7.62
C TYR A 268 -7.15 -33.49 -7.96
N ALA A 269 -5.91 -33.38 -7.47
CA ALA A 269 -4.90 -34.37 -7.80
C ALA A 269 -5.27 -35.76 -7.26
N LYS A 270 -5.76 -35.84 -6.02
CA LYS A 270 -6.20 -37.14 -5.50
C LYS A 270 -7.34 -37.69 -6.34
N LEU A 271 -8.22 -36.81 -6.83
CA LEU A 271 -9.39 -37.26 -7.57
C LEU A 271 -9.06 -37.72 -8.98
N TYR A 272 -8.02 -37.15 -9.59
CA TYR A 272 -7.79 -37.41 -11.00
C TYR A 272 -6.42 -38.00 -11.32
N LEU A 273 -5.52 -38.01 -10.44
CA LEU A 273 -4.28 -38.64 -10.85
C LEU A 273 -4.28 -40.11 -10.47
N PRO A 274 -3.52 -40.93 -11.18
CA PRO A 274 -3.22 -42.28 -10.68
C PRO A 274 -2.62 -42.21 -9.28
N LYS A 275 -2.86 -43.27 -8.50
CA LYS A 275 -2.35 -43.32 -7.13
C LYS A 275 -0.86 -43.06 -7.09
N GLU A 276 -0.10 -43.64 -8.03
CA GLU A 276 1.35 -43.53 -7.97
C GLU A 276 1.80 -42.10 -8.22
N ASP A 277 1.11 -41.42 -9.14
CA ASP A 277 1.49 -40.05 -9.46
C ASP A 277 1.12 -39.10 -8.33
N PHE A 278 0.00 -39.37 -7.66
CA PHE A 278 -0.33 -38.61 -6.47
C PHE A 278 0.68 -38.84 -5.37
N GLU A 279 1.04 -40.11 -5.12
CA GLU A 279 2.05 -40.44 -4.10
C GLU A 279 3.34 -39.65 -4.31
N GLN A 280 3.65 -39.30 -5.55
CA GLN A 280 4.92 -38.65 -5.85
C GLN A 280 4.87 -37.16 -5.56
N LEU A 281 3.72 -36.53 -5.77
CA LEU A 281 3.58 -35.12 -5.41
C LEU A 281 3.46 -34.93 -3.90
N GLU A 282 3.21 -36.01 -3.17
CA GLU A 282 2.96 -35.97 -1.74
C GLU A 282 3.99 -35.15 -0.97
N PRO A 283 5.31 -35.32 -1.16
CA PRO A 283 6.24 -34.46 -0.42
C PRO A 283 6.09 -32.99 -0.75
N LEU A 284 5.94 -32.65 -2.04
CA LEU A 284 5.77 -31.25 -2.43
C LEU A 284 4.44 -30.70 -1.90
N PHE A 285 3.41 -31.51 -1.89
CA PHE A 285 2.15 -31.10 -1.28
C PHE A 285 2.34 -30.78 0.20
N ARG A 286 2.98 -31.69 0.95
N ARG A 286 2.99 -31.69 0.95
CA ARG A 286 3.21 -31.47 2.38
CA ARG A 286 3.19 -31.46 2.38
C ARG A 286 4.00 -30.20 2.63
C ARG A 286 4.01 -30.20 2.63
N LYS A 287 5.17 -30.08 1.97
CA LYS A 287 6.01 -28.89 2.18
C LYS A 287 5.25 -27.61 1.88
N THR A 288 4.51 -27.59 0.77
CA THR A 288 3.81 -26.37 0.38
C THR A 288 2.69 -26.05 1.37
N ILE A 289 1.86 -27.05 1.72
CA ILE A 289 0.72 -26.82 2.62
C ILE A 289 1.20 -26.37 4.00
N ALA A 290 2.33 -26.92 4.46
CA ALA A 290 2.87 -26.52 5.77
C ALA A 290 3.33 -25.07 5.78
N ASP A 291 3.83 -24.55 4.65
CA ASP A 291 4.28 -23.17 4.54
C ASP A 291 3.13 -22.18 4.37
N GLU A 292 1.88 -22.64 4.41
CA GLU A 292 0.72 -21.79 4.15
C GLU A 292 0.13 -21.33 5.47
N ARG A 293 0.18 -20.03 5.70
CA ARG A 293 -0.44 -19.41 6.86
C ARG A 293 -1.82 -18.94 6.44
N MET A 294 -2.87 -19.56 7.00
CA MET A 294 -4.24 -19.16 6.73
C MET A 294 -4.93 -18.84 8.05
N ASP A 295 -5.65 -17.71 8.07
CA ASP A 295 -6.39 -17.30 9.26
C ASP A 295 -7.88 -17.60 9.14
N LEU A 296 -8.42 -17.51 7.94
CA LEU A 296 -9.82 -17.81 7.65
C LEU A 296 -9.89 -18.51 6.31
N ILE A 297 -10.64 -19.60 6.28
CA ILE A 297 -10.84 -20.38 5.07
C ILE A 297 -12.31 -20.31 4.73
N LEU A 298 -12.63 -19.67 3.61
CA LEU A 298 -14.00 -19.65 3.12
C LEU A 298 -14.17 -20.77 2.10
N VAL A 299 -15.12 -21.66 2.34
CA VAL A 299 -15.43 -22.77 1.46
C VAL A 299 -16.78 -22.52 0.81
N ILE A 300 -16.83 -22.58 -0.51
CA ILE A 300 -18.08 -22.48 -1.24
C ILE A 300 -18.59 -23.89 -1.49
N PRO A 301 -19.75 -24.26 -0.99
CA PRO A 301 -20.19 -25.64 -1.10
C PRO A 301 -20.82 -25.88 -2.45
N PRO A 302 -21.04 -27.15 -2.83
CA PRO A 302 -21.67 -27.41 -4.12
C PRO A 302 -23.12 -26.94 -4.10
N ILE A 303 -23.53 -26.31 -5.19
CA ILE A 303 -24.92 -25.95 -5.38
C ILE A 303 -25.24 -26.06 -6.85
N THR A 304 -26.53 -26.20 -7.16
CA THR A 304 -27.00 -26.29 -8.53
C THR A 304 -27.12 -24.88 -9.14
N GLU A 305 -25.98 -24.19 -9.25
CA GLU A 305 -25.92 -22.82 -9.77
C GLU A 305 -25.17 -22.74 -11.10
N TYR A 306 -23.91 -23.18 -11.14
CA TYR A 306 -23.11 -23.11 -12.37
C TYR A 306 -22.86 -21.65 -12.71
N ILE A 307 -21.92 -21.01 -11.98
CA ILE A 307 -21.77 -19.55 -12.04
C ILE A 307 -21.11 -19.12 -13.35
N ASP A 308 -19.99 -19.75 -13.73
CA ASP A 308 -19.26 -19.42 -14.95
C ASP A 308 -18.99 -17.92 -15.07
N ASP A 309 -17.96 -17.41 -14.40
CA ASP A 309 -17.59 -16.03 -14.63
C ASP A 309 -17.15 -15.81 -16.08
N GLY A 310 -16.85 -16.89 -16.81
CA GLY A 310 -16.43 -16.83 -18.20
C GLY A 310 -15.73 -18.10 -18.62
N PHE A 311 -14.58 -18.37 -17.98
CA PHE A 311 -13.82 -19.59 -18.23
C PHE A 311 -14.50 -20.81 -17.59
N ARG A 312 -14.54 -21.90 -18.35
CA ARG A 312 -15.18 -23.15 -17.96
C ARG A 312 -14.11 -24.22 -17.71
N HIS A 313 -13.93 -24.58 -16.45
CA HIS A 313 -13.23 -25.82 -16.13
C HIS A 313 -14.12 -26.98 -16.57
N MET A 314 -13.80 -27.57 -17.74
CA MET A 314 -14.70 -28.55 -18.36
C MET A 314 -15.07 -29.69 -17.44
N GLU A 315 -14.09 -30.24 -16.71
CA GLU A 315 -14.24 -31.48 -15.95
C GLU A 315 -14.43 -31.28 -14.46
N TRP A 316 -13.90 -30.18 -13.89
CA TRP A 316 -13.99 -29.87 -12.46
C TRP A 316 -15.43 -29.41 -12.01
N GLU A 317 -16.41 -29.66 -12.89
CA GLU A 317 -17.85 -29.54 -12.65
C GLU A 317 -18.52 -30.92 -12.56
N GLU A 318 -19.84 -30.92 -12.32
CA GLU A 318 -20.70 -32.11 -12.33
C GLU A 318 -20.44 -33.09 -11.17
N SER A 319 -19.18 -33.26 -10.77
CA SER A 319 -18.89 -33.99 -9.55
C SER A 319 -18.43 -33.02 -8.45
N ARG A 320 -19.24 -31.98 -8.22
CA ARG A 320 -18.97 -30.99 -7.19
C ARG A 320 -19.06 -31.57 -5.78
N HIS A 321 -20.07 -32.42 -5.54
CA HIS A 321 -20.23 -33.09 -4.25
C HIS A 321 -19.05 -34.01 -3.97
N GLU A 322 -18.57 -34.72 -5.00
CA GLU A 322 -17.40 -35.57 -4.84
C GLU A 322 -16.17 -34.74 -4.47
N PHE A 323 -16.02 -33.57 -5.12
CA PHE A 323 -14.92 -32.67 -4.77
C PHE A 323 -15.10 -32.14 -3.36
N HIS A 324 -16.32 -31.72 -3.02
CA HIS A 324 -16.54 -31.11 -1.71
C HIS A 324 -16.29 -32.11 -0.59
N GLU A 325 -16.64 -33.39 -0.80
CA GLU A 325 -16.38 -34.39 0.24
C GLU A 325 -14.88 -34.57 0.44
N GLU A 326 -14.13 -34.78 -0.65
CA GLU A 326 -12.68 -34.90 -0.50
C GLU A 326 -12.08 -33.62 0.07
N LEU A 327 -12.61 -32.46 -0.31
CA LEU A 327 -12.06 -31.22 0.22
C LEU A 327 -12.21 -31.18 1.73
N MET A 328 -13.41 -31.52 2.22
CA MET A 328 -13.61 -31.55 3.66
C MET A 328 -12.77 -32.65 4.30
N ARG A 329 -12.66 -33.79 3.62
CA ARG A 329 -11.78 -34.85 4.09
C ARG A 329 -10.40 -34.27 4.35
N GLN A 330 -9.85 -33.54 3.36
CA GLN A 330 -8.48 -33.08 3.47
C GLN A 330 -8.34 -31.89 4.42
N LEU A 331 -9.32 -30.99 4.47
CA LEU A 331 -9.27 -29.93 5.48
C LEU A 331 -9.20 -30.50 6.89
N ALA A 332 -9.92 -31.60 7.14
CA ALA A 332 -9.78 -32.29 8.41
C ALA A 332 -8.39 -32.90 8.57
N GLU A 333 -7.89 -33.59 7.52
CA GLU A 333 -6.57 -34.22 7.58
C GLU A 333 -5.49 -33.26 8.07
N PHE A 334 -5.61 -31.98 7.75
CA PHE A 334 -4.60 -30.99 8.10
C PHE A 334 -5.01 -30.15 9.30
N GLY A 335 -6.02 -30.58 10.05
CA GLY A 335 -6.43 -29.87 11.25
C GLY A 335 -6.72 -28.40 11.02
N LEU A 336 -7.52 -28.10 10.01
CA LEU A 336 -7.84 -26.72 9.69
C LEU A 336 -9.29 -26.38 9.91
N LEU A 337 -10.08 -27.31 10.44
CA LEU A 337 -11.52 -27.12 10.46
C LEU A 337 -11.95 -25.92 11.29
N ASP A 338 -11.21 -25.59 12.36
N ASP A 338 -11.20 -25.59 12.34
CA ASP A 338 -11.59 -24.46 13.20
CA ASP A 338 -11.55 -24.45 13.21
C ASP A 338 -11.45 -23.12 12.47
C ASP A 338 -11.42 -23.11 12.49
N LYS A 339 -10.71 -23.07 11.37
CA LYS A 339 -10.60 -21.87 10.53
C LYS A 339 -11.61 -21.86 9.39
N VAL A 340 -12.43 -22.90 9.27
CA VAL A 340 -13.24 -23.11 8.08
C VAL A 340 -14.66 -22.61 8.34
N VAL A 341 -15.21 -21.94 7.34
CA VAL A 341 -16.57 -21.43 7.33
C VAL A 341 -17.15 -21.79 5.98
N ILE A 342 -18.31 -22.45 5.98
CA ILE A 342 -18.94 -22.87 4.74
C ILE A 342 -20.07 -21.92 4.42
N LEU A 343 -20.11 -21.45 3.17
CA LEU A 343 -21.10 -20.47 2.73
C LEU A 343 -22.32 -21.18 2.15
N ASP A 344 -23.02 -21.86 3.06
CA ASP A 344 -24.21 -22.65 2.75
C ASP A 344 -25.46 -21.77 2.83
N ASP A 345 -25.61 -20.90 1.82
CA ASP A 345 -26.76 -20.01 1.81
C ASP A 345 -27.51 -20.16 0.49
N GLU A 346 -28.39 -19.20 0.17
CA GLU A 346 -29.33 -19.36 -0.94
C GLU A 346 -30.15 -20.65 -0.74
N GLY A 347 -31.07 -20.57 0.21
CA GLY A 347 -31.82 -21.75 0.64
C GLY A 347 -31.33 -22.40 1.91
N ASP A 348 -31.33 -21.62 2.99
CA ASP A 348 -30.94 -22.09 4.32
C ASP A 348 -31.98 -21.63 5.34
N GLY A 354 -30.65 -16.73 9.03
CA GLY A 354 -29.62 -16.94 8.02
C GLY A 354 -29.14 -15.67 7.32
N TYR A 355 -28.02 -15.78 6.60
CA TYR A 355 -27.48 -14.65 5.87
C TYR A 355 -28.21 -14.44 4.53
N LEU A 356 -28.14 -13.21 4.03
CA LEU A 356 -28.93 -12.87 2.84
C LEU A 356 -28.38 -13.53 1.59
N THR A 357 -27.07 -13.47 1.42
CA THR A 357 -26.40 -13.95 0.23
C THR A 357 -25.12 -14.64 0.67
N ARG A 358 -24.56 -15.42 -0.25
CA ARG A 358 -23.25 -16.01 0.01
C ARG A 358 -22.23 -14.95 0.38
N TYR A 359 -22.32 -13.77 -0.25
CA TYR A 359 -21.35 -12.70 0.03
C TYR A 359 -21.56 -12.07 1.40
N HIS A 360 -22.83 -11.91 1.83
CA HIS A 360 -23.10 -11.38 3.16
C HIS A 360 -22.47 -12.25 4.23
N HIS A 361 -22.67 -13.57 4.13
CA HIS A 361 -22.07 -14.50 5.06
C HIS A 361 -20.55 -14.35 5.05
N ALA A 362 -19.96 -14.29 3.86
CA ALA A 362 -18.50 -14.27 3.77
C ALA A 362 -17.92 -12.99 4.38
N ILE A 363 -18.49 -11.83 4.02
CA ILE A 363 -17.88 -10.60 4.49
C ILE A 363 -18.05 -10.47 5.99
N ASP A 364 -19.09 -11.09 6.55
CA ASP A 364 -19.25 -11.07 7.99
C ASP A 364 -18.24 -11.97 8.68
N ALA A 365 -17.95 -13.12 8.07
CA ALA A 365 -16.86 -13.96 8.57
C ALA A 365 -15.55 -13.21 8.51
N VAL A 366 -15.32 -12.42 7.44
CA VAL A 366 -14.11 -11.61 7.36
C VAL A 366 -14.04 -10.66 8.55
N HIS A 367 -15.20 -10.12 8.93
CA HIS A 367 -15.28 -9.26 10.11
C HIS A 367 -14.96 -10.04 11.39
N GLU A 368 -15.50 -11.26 11.52
CA GLU A 368 -15.28 -12.03 12.74
C GLU A 368 -13.81 -12.39 12.94
N TYR A 369 -13.10 -12.73 11.86
CA TYR A 369 -11.77 -13.33 11.95
C TYR A 369 -10.62 -12.34 11.80
N THR A 370 -10.88 -11.14 11.29
CA THR A 370 -9.84 -10.14 11.07
C THR A 370 -10.06 -8.83 11.78
N GLY A 371 -11.28 -8.58 12.27
CA GLY A 371 -11.53 -7.42 13.08
C GLY A 371 -11.80 -6.15 12.31
N VAL A 372 -11.99 -6.25 11.00
CA VAL A 372 -12.16 -5.07 10.16
C VAL A 372 -13.63 -4.68 10.17
N LYS A 373 -13.91 -3.38 10.18
CA LYS A 373 -15.29 -2.90 10.18
C LYS A 373 -15.87 -2.98 8.76
N ILE A 374 -17.16 -3.31 8.70
CA ILE A 374 -17.92 -3.49 7.47
C ILE A 374 -19.23 -2.75 7.63
N GLU A 375 -19.55 -1.86 6.68
CA GLU A 375 -20.77 -1.08 6.83
C GLU A 375 -22.00 -1.90 6.48
N ARG A 376 -23.05 -1.74 7.27
N ARG A 376 -23.05 -1.72 7.28
CA ARG A 376 -24.31 -2.36 6.91
CA ARG A 376 -24.37 -2.27 6.97
C ARG A 376 -25.01 -1.55 5.83
C ARG A 376 -24.98 -1.52 5.79
N LEU A 377 -25.78 -2.24 5.00
CA LEU A 377 -26.50 -1.54 3.94
C LEU A 377 -27.82 -1.00 4.47
N SER A 378 -28.55 -1.83 5.20
CA SER A 378 -29.85 -1.42 5.73
C SER A 378 -29.76 -0.99 7.21
N TYR A 379 -30.86 -0.43 7.72
CA TYR A 379 -30.93 0.01 9.11
C TYR A 379 -31.21 -1.17 10.05
N LYS B 8 -23.14 -3.74 -26.03
CA LYS B 8 -23.09 -3.93 -24.58
C LYS B 8 -22.80 -2.59 -23.86
N SER B 9 -21.94 -2.66 -22.84
CA SER B 9 -21.66 -1.60 -21.83
C SER B 9 -22.95 -1.05 -21.20
N LYS B 10 -24.02 -1.84 -21.22
CA LYS B 10 -25.26 -1.55 -20.55
C LYS B 10 -25.50 -2.63 -19.50
N LEU B 11 -26.46 -2.39 -18.63
CA LEU B 11 -26.70 -3.26 -17.49
C LEU B 11 -27.68 -4.35 -17.91
N SER B 12 -27.26 -5.59 -17.72
CA SER B 12 -28.12 -6.71 -18.04
C SER B 12 -28.85 -7.16 -16.78
N GLY B 13 -29.91 -7.94 -16.99
CA GLY B 13 -30.69 -8.47 -15.89
C GLY B 13 -32.02 -7.76 -15.72
N LYS B 14 -32.93 -8.41 -14.98
CA LYS B 14 -34.23 -7.86 -14.64
C LYS B 14 -34.20 -7.14 -13.31
N ASN B 15 -33.55 -7.74 -12.33
CA ASN B 15 -33.45 -7.16 -10.99
C ASN B 15 -32.23 -6.26 -10.91
N ILE B 16 -32.42 -4.96 -11.05
CA ILE B 16 -31.27 -4.07 -10.92
C ILE B 16 -31.51 -3.09 -9.76
N GLY B 17 -30.43 -2.67 -9.14
CA GLY B 17 -30.49 -1.84 -7.96
C GLY B 17 -29.78 -0.53 -8.24
N ILE B 18 -30.26 0.53 -7.61
CA ILE B 18 -29.73 1.87 -7.83
C ILE B 18 -29.13 2.36 -6.53
N TYR B 19 -27.89 2.83 -6.62
CA TYR B 19 -27.16 3.34 -5.46
C TYR B 19 -26.70 4.77 -5.78
N PHE B 20 -26.87 5.69 -4.83
CA PHE B 20 -26.57 7.11 -5.05
C PHE B 20 -25.33 7.55 -4.29
N GLY B 21 -24.74 8.63 -4.76
CA GLY B 21 -23.57 9.18 -4.09
C GLY B 21 -22.99 10.35 -4.85
N THR B 22 -22.21 11.17 -4.13
CA THR B 22 -21.31 12.12 -4.77
C THR B 22 -19.91 11.53 -4.95
N PHE B 23 -19.50 10.62 -4.07
CA PHE B 23 -18.23 9.90 -4.14
C PHE B 23 -17.05 10.86 -4.25
N ALA B 24 -16.88 11.68 -3.23
CA ALA B 24 -15.86 12.73 -3.26
C ALA B 24 -14.96 12.64 -2.03
N PRO B 25 -14.25 11.52 -1.85
CA PRO B 25 -14.09 10.35 -2.72
C PRO B 25 -14.92 9.15 -2.34
N LEU B 26 -14.99 8.23 -3.29
CA LEU B 26 -15.40 6.86 -3.00
C LEU B 26 -14.51 6.32 -1.90
N HIS B 27 -15.10 5.60 -0.96
CA HIS B 27 -14.33 4.97 0.10
C HIS B 27 -14.92 3.61 0.44
N THR B 28 -14.21 2.90 1.32
CA THR B 28 -14.54 1.50 1.63
C THR B 28 -15.93 1.35 2.18
N GLY B 29 -16.48 2.41 2.75
CA GLY B 29 -17.88 2.38 3.17
C GLY B 29 -18.83 2.25 2.00
N HIS B 30 -18.72 3.16 1.01
CA HIS B 30 -19.49 3.02 -0.22
C HIS B 30 -19.30 1.62 -0.80
N GLN B 31 -18.03 1.22 -0.99
CA GLN B 31 -17.77 -0.04 -1.64
C GLN B 31 -18.48 -1.16 -0.92
N GLN B 32 -18.39 -1.18 0.41
CA GLN B 32 -19.01 -2.22 1.20
C GLN B 32 -20.51 -2.28 0.95
N GLN B 33 -21.15 -1.11 0.87
CA GLN B 33 -22.59 -1.06 0.60
C GLN B 33 -22.89 -1.51 -0.82
N ILE B 34 -22.09 -1.05 -1.78
CA ILE B 34 -22.32 -1.33 -3.20
C ILE B 34 -22.20 -2.83 -3.47
N TYR B 35 -21.20 -3.50 -2.88
CA TYR B 35 -21.07 -4.94 -3.10
C TYR B 35 -22.21 -5.71 -2.45
N LYS B 36 -22.72 -5.23 -1.31
CA LYS B 36 -23.90 -5.86 -0.73
C LYS B 36 -25.07 -5.74 -1.70
N CYS B 37 -25.29 -4.54 -2.24
N CYS B 37 -25.33 -4.52 -2.18
CA CYS B 37 -26.31 -4.35 -3.25
CA CYS B 37 -26.27 -4.29 -3.28
C CYS B 37 -26.05 -5.19 -4.49
C CYS B 37 -26.03 -5.25 -4.44
N ALA B 38 -24.78 -5.28 -4.93
CA ALA B 38 -24.44 -6.13 -6.05
C ALA B 38 -24.84 -7.58 -5.82
N SER B 39 -24.85 -8.02 -4.57
CA SER B 39 -25.19 -9.39 -4.25
C SER B 39 -26.69 -9.64 -4.21
N LEU B 40 -27.47 -8.59 -4.12
CA LEU B 40 -28.91 -8.70 -3.97
C LEU B 40 -29.65 -8.53 -5.29
N ASN B 41 -28.98 -7.98 -6.30
CA ASN B 41 -29.54 -7.76 -7.62
C ASN B 41 -28.68 -8.42 -8.70
N ASP B 42 -29.24 -8.45 -9.90
CA ASP B 42 -28.52 -8.94 -11.07
C ASP B 42 -27.52 -7.90 -11.57
N GLY B 43 -27.79 -6.62 -11.32
CA GLY B 43 -26.88 -5.57 -11.69
C GLY B 43 -27.18 -4.34 -10.87
N VAL B 44 -26.20 -3.45 -10.79
CA VAL B 44 -26.30 -2.24 -9.97
C VAL B 44 -25.92 -1.06 -10.84
N LEU B 45 -26.73 -0.02 -10.79
CA LEU B 45 -26.39 1.23 -11.43
C LEU B 45 -25.94 2.19 -10.34
N LEU B 46 -24.64 2.51 -10.33
CA LEU B 46 -24.14 3.61 -9.52
C LEU B 46 -24.45 4.94 -10.19
N VAL B 47 -24.94 5.88 -9.40
CA VAL B 47 -25.32 7.19 -9.90
C VAL B 47 -24.46 8.20 -9.17
N VAL B 48 -23.54 8.85 -9.91
CA VAL B 48 -22.75 9.96 -9.36
C VAL B 48 -23.52 11.22 -9.63
N SER B 49 -23.80 11.98 -8.57
CA SER B 49 -24.44 13.26 -8.76
C SER B 49 -23.39 14.33 -8.51
N GLY B 50 -23.60 15.48 -9.11
CA GLY B 50 -22.62 16.53 -8.99
C GLY B 50 -23.16 17.72 -9.73
N TYR B 51 -22.53 18.86 -9.47
CA TYR B 51 -22.93 20.09 -10.10
C TYR B 51 -21.73 21.03 -10.01
N ASP B 52 -21.75 22.07 -10.83
CA ASP B 52 -20.62 22.98 -10.85
C ASP B 52 -20.41 23.59 -9.48
N ASN B 53 -19.15 23.59 -9.04
CA ASN B 53 -18.73 24.21 -7.79
C ASN B 53 -19.30 23.52 -6.56
N ASP B 54 -19.58 22.22 -6.66
CA ASP B 54 -20.14 21.54 -5.51
C ASP B 54 -19.04 21.18 -4.50
N ARG B 55 -19.45 20.54 -3.41
CA ARG B 55 -18.55 20.15 -2.34
C ARG B 55 -17.37 19.36 -2.90
N GLY B 56 -17.62 18.47 -3.85
CA GLY B 56 -16.53 17.69 -4.44
C GLY B 56 -15.64 18.55 -5.33
N ALA B 57 -16.23 19.46 -6.09
CA ALA B 57 -15.44 20.28 -7.00
C ALA B 57 -14.53 21.23 -6.27
N GLN B 58 -14.89 21.61 -5.05
CA GLN B 58 -14.07 22.62 -4.39
C GLN B 58 -12.73 22.08 -3.90
N ILE B 59 -12.56 20.76 -3.84
CA ILE B 59 -11.29 20.12 -3.50
C ILE B 59 -10.65 19.43 -4.70
N GLY B 60 -11.05 19.82 -5.91
CA GLY B 60 -10.43 19.32 -7.13
C GLY B 60 -10.98 18.02 -7.65
N LEU B 61 -12.21 17.66 -7.29
CA LEU B 61 -12.88 16.46 -7.80
C LEU B 61 -14.25 16.78 -8.34
N PRO B 62 -14.35 17.55 -9.42
CA PRO B 62 -15.66 17.80 -10.03
C PRO B 62 -16.33 16.51 -10.47
N LEU B 63 -17.62 16.63 -10.77
CA LEU B 63 -18.42 15.49 -11.23
C LEU B 63 -17.72 14.75 -12.35
N GLU B 64 -17.14 15.47 -13.30
CA GLU B 64 -16.48 14.78 -14.40
C GLU B 64 -15.31 13.94 -13.90
N LYS B 65 -14.44 14.53 -13.07
CA LYS B 65 -13.33 13.75 -12.54
C LYS B 65 -13.82 12.61 -11.65
N ARG B 66 -14.83 12.87 -10.79
CA ARG B 66 -15.37 11.80 -9.95
C ARG B 66 -15.91 10.65 -10.80
N PHE B 67 -16.66 10.97 -11.86
CA PHE B 67 -17.22 9.95 -12.73
C PHE B 67 -16.13 9.11 -13.39
N ARG B 68 -15.07 9.75 -13.87
CA ARG B 68 -14.00 9.01 -14.52
C ARG B 68 -13.28 8.10 -13.54
N TYR B 69 -12.94 8.63 -12.36
CA TYR B 69 -12.31 7.84 -11.32
C TYR B 69 -13.17 6.64 -10.93
N LEU B 70 -14.49 6.85 -10.80
CA LEU B 70 -15.37 5.74 -10.47
C LEU B 70 -15.35 4.67 -11.54
N ARG B 71 -15.46 5.06 -12.81
CA ARG B 71 -15.46 4.09 -13.91
C ARG B 71 -14.21 3.22 -13.86
N GLU B 72 -13.07 3.81 -13.52
CA GLU B 72 -11.85 3.04 -13.37
C GLU B 72 -11.92 2.10 -12.17
N ALA B 73 -12.51 2.57 -11.06
CA ALA B 73 -12.56 1.75 -9.86
C ALA B 73 -13.44 0.53 -10.06
N PHE B 74 -14.42 0.61 -10.95
CA PHE B 74 -15.30 -0.51 -11.20
C PHE B 74 -15.15 -1.04 -12.62
N ASN B 75 -13.94 -0.92 -13.18
CA ASN B 75 -13.68 -1.45 -14.52
C ASN B 75 -13.66 -2.96 -14.53
N ASP B 76 -13.73 -3.56 -13.36
CA ASP B 76 -13.58 -4.97 -13.12
C ASP B 76 -14.93 -5.65 -13.03
N GLU B 77 -15.99 -4.85 -12.95
CA GLU B 77 -17.33 -5.29 -12.56
C GLU B 77 -18.23 -5.25 -13.79
N GLU B 78 -18.58 -6.43 -14.29
CA GLU B 78 -19.49 -6.53 -15.42
C GLU B 78 -20.86 -5.95 -15.08
N ASN B 79 -21.37 -6.21 -13.88
N ASN B 79 -21.38 -6.22 -13.90
CA ASN B 79 -22.75 -5.94 -13.51
CA ASN B 79 -22.77 -5.90 -13.60
C ASN B 79 -22.92 -4.68 -12.68
C ASN B 79 -22.90 -4.71 -12.64
N ILE B 80 -21.92 -3.81 -12.65
CA ILE B 80 -22.02 -2.53 -11.96
C ILE B 80 -21.71 -1.46 -13.00
N LYS B 81 -22.69 -0.62 -13.32
CA LYS B 81 -22.50 0.46 -14.28
C LYS B 81 -22.50 1.80 -13.57
N VAL B 82 -21.56 2.66 -13.92
CA VAL B 82 -21.45 3.99 -13.33
C VAL B 82 -22.02 5.02 -14.29
N SER B 83 -22.87 5.90 -13.76
CA SER B 83 -23.54 6.91 -14.56
C SER B 83 -23.53 8.24 -13.80
N MET B 84 -23.66 9.33 -14.58
CA MET B 84 -23.64 10.69 -14.07
C MET B 84 -25.06 11.24 -14.02
N LEU B 85 -25.42 11.85 -12.90
CA LEU B 85 -26.67 12.60 -12.79
C LEU B 85 -26.20 14.04 -12.66
N ASN B 86 -26.29 14.78 -13.76
CA ASN B 86 -25.78 16.14 -13.75
C ASN B 86 -26.86 17.04 -13.16
N GLU B 87 -26.59 17.60 -12.00
CA GLU B 87 -27.58 18.39 -11.31
C GLU B 87 -27.49 19.89 -11.62
N ASN B 88 -26.73 20.29 -12.65
CA ASN B 88 -26.72 21.69 -13.05
C ASN B 88 -28.06 22.06 -13.68
N ASP B 89 -28.29 23.37 -13.77
N ASP B 89 -28.30 23.37 -13.81
CA ASP B 89 -29.53 23.91 -14.33
CA ASP B 89 -29.56 23.89 -14.36
C ASP B 89 -30.76 23.26 -13.70
C ASP B 89 -30.77 23.20 -13.70
N LEU B 90 -30.69 22.99 -12.39
CA LEU B 90 -31.83 22.50 -11.63
C LEU B 90 -32.26 23.51 -10.57
N PRO B 91 -33.54 23.57 -10.26
CA PRO B 91 -34.04 24.60 -9.35
C PRO B 91 -33.97 24.16 -7.89
N GLU B 92 -32.81 24.41 -7.29
CA GLU B 92 -32.63 24.34 -5.82
C GLU B 92 -33.05 22.94 -5.36
N MET B 93 -33.64 22.80 -4.17
CA MET B 93 -33.90 21.47 -3.64
C MET B 93 -35.38 21.11 -3.61
N PRO B 94 -36.29 21.96 -3.07
CA PRO B 94 -37.70 21.54 -2.99
C PRO B 94 -38.49 21.61 -4.31
N ASN B 95 -37.97 22.24 -5.38
CA ASN B 95 -38.79 22.44 -6.58
C ASN B 95 -38.32 21.66 -7.80
N GLY B 96 -37.07 21.23 -7.82
CA GLY B 96 -36.46 20.55 -8.94
C GLY B 96 -36.80 19.10 -9.12
N TRP B 97 -37.70 18.55 -8.31
CA TRP B 97 -37.92 17.12 -8.33
C TRP B 97 -38.51 16.63 -9.65
N ASP B 98 -39.36 17.44 -10.29
CA ASP B 98 -39.97 16.98 -11.53
C ASP B 98 -38.91 16.68 -12.60
N GLU B 99 -38.00 17.63 -12.84
CA GLU B 99 -36.97 17.46 -13.86
C GLU B 99 -35.81 16.59 -13.39
N TRP B 100 -35.41 16.70 -12.13
CA TRP B 100 -34.37 15.81 -11.60
C TRP B 100 -34.77 14.35 -11.80
N ALA B 101 -36.00 14.01 -11.43
CA ALA B 101 -36.44 12.63 -11.60
C ALA B 101 -36.43 12.24 -13.08
N ASN B 102 -36.84 13.17 -13.95
CA ASN B 102 -36.76 12.92 -15.40
C ASN B 102 -35.35 12.53 -15.83
N ARG B 103 -34.35 13.25 -15.34
CA ARG B 103 -32.97 12.91 -15.68
C ARG B 103 -32.58 11.56 -15.12
N LEU B 104 -33.05 11.25 -13.90
CA LEU B 104 -32.69 9.99 -13.27
C LEU B 104 -33.27 8.80 -14.02
N PHE B 105 -34.51 8.91 -14.48
CA PHE B 105 -35.10 7.78 -15.19
C PHE B 105 -34.58 7.67 -16.60
N GLU B 106 -34.12 8.78 -17.18
CA GLU B 106 -33.40 8.70 -18.44
C GLU B 106 -32.12 7.89 -18.27
N LEU B 107 -31.39 8.12 -17.17
CA LEU B 107 -30.23 7.31 -16.86
C LEU B 107 -30.57 5.84 -16.85
N ILE B 108 -31.69 5.49 -16.21
CA ILE B 108 -32.03 4.08 -16.06
C ILE B 108 -32.33 3.45 -17.41
N HIS B 109 -33.09 4.15 -18.24
CA HIS B 109 -33.48 3.64 -19.54
C HIS B 109 -32.29 3.47 -20.47
N HIS B 110 -31.39 4.46 -20.52
CA HIS B 110 -30.29 4.35 -21.47
C HIS B 110 -29.22 3.37 -21.00
N ASN B 111 -29.03 3.20 -19.69
CA ASN B 111 -27.95 2.35 -19.22
C ASN B 111 -28.41 0.93 -18.85
N THR B 112 -29.63 0.53 -19.16
CA THR B 112 -30.08 -0.85 -18.97
C THR B 112 -30.43 -1.50 -20.32
N LEU B 113 -30.41 -2.83 -20.34
CA LEU B 113 -30.62 -3.56 -21.57
C LEU B 113 -32.04 -4.04 -21.76
N GLU B 114 -32.77 -4.28 -20.69
CA GLU B 114 -34.03 -4.98 -20.78
C GLU B 114 -35.17 -4.08 -20.35
N ASN B 115 -36.39 -4.54 -20.64
CA ASN B 115 -37.63 -3.97 -20.14
C ASN B 115 -38.18 -4.87 -19.06
N ASP B 116 -39.30 -4.46 -18.47
CA ASP B 116 -39.94 -5.21 -17.39
C ASP B 116 -38.97 -5.40 -16.22
N LEU B 117 -38.22 -4.35 -15.92
CA LEU B 117 -37.23 -4.42 -14.86
C LEU B 117 -37.91 -4.33 -13.51
N SER B 118 -37.29 -4.96 -12.51
CA SER B 118 -37.64 -4.77 -11.11
C SER B 118 -36.53 -3.90 -10.51
N VAL B 119 -36.76 -2.59 -10.46
CA VAL B 119 -35.75 -1.63 -10.02
C VAL B 119 -35.94 -1.30 -8.55
N THR B 120 -34.87 -1.43 -7.77
CA THR B 120 -34.87 -1.11 -6.34
C THR B 120 -33.96 0.08 -6.11
N PHE B 121 -34.53 1.20 -5.66
CA PHE B 121 -33.68 2.31 -5.25
C PHE B 121 -33.23 2.12 -3.81
N TYR B 122 -31.97 2.40 -3.53
CA TYR B 122 -31.47 2.39 -2.17
C TYR B 122 -31.15 3.83 -1.78
N VAL B 123 -31.94 4.37 -0.87
CA VAL B 123 -31.97 5.79 -0.55
C VAL B 123 -31.65 5.99 0.92
N GLY B 124 -30.89 7.03 1.21
CA GLY B 124 -30.46 7.28 2.58
C GLY B 124 -31.05 8.52 3.18
N GLU B 125 -31.82 9.26 2.39
CA GLU B 125 -32.47 10.47 2.84
C GLU B 125 -33.96 10.35 2.55
N LEU B 126 -34.79 10.57 3.58
CA LEU B 126 -36.21 10.30 3.42
C LEU B 126 -36.85 11.29 2.48
N GLU B 127 -36.32 12.53 2.44
CA GLU B 127 -36.85 13.50 1.47
C GLU B 127 -36.76 12.93 0.05
N TYR B 128 -35.64 12.31 -0.33
CA TYR B 128 -35.53 11.72 -1.66
C TYR B 128 -36.52 10.57 -1.80
N ALA B 129 -36.53 9.68 -0.82
CA ALA B 129 -37.47 8.57 -0.87
C ALA B 129 -38.90 9.05 -1.05
N ALA B 130 -39.25 10.17 -0.41
CA ALA B 130 -40.61 10.65 -0.52
C ALA B 130 -40.90 11.18 -1.92
N GLU B 131 -39.97 12.01 -2.46
CA GLU B 131 -40.18 12.66 -3.75
C GLU B 131 -39.94 11.74 -4.93
N LEU B 132 -39.23 10.64 -4.73
CA LEU B 132 -39.00 9.71 -5.83
C LEU B 132 -40.24 8.87 -6.09
N LYS B 133 -40.91 8.42 -5.02
CA LYS B 133 -42.07 7.52 -5.15
C LYS B 133 -43.22 8.16 -5.92
N LYS B 134 -43.40 9.47 -5.78
CA LYS B 134 -44.51 10.15 -6.45
C LYS B 134 -44.37 10.10 -7.97
N ARG B 135 -43.16 9.78 -8.47
CA ARG B 135 -42.78 10.08 -9.85
C ARG B 135 -42.24 8.86 -10.59
N PHE B 136 -42.69 7.66 -10.25
CA PHE B 136 -42.36 6.51 -11.08
C PHE B 136 -43.11 6.61 -12.40
N PRO B 137 -42.42 6.51 -13.53
CA PRO B 137 -43.11 6.55 -14.83
C PRO B 137 -43.70 5.19 -15.21
N ALA B 138 -44.69 5.23 -16.10
CA ALA B 138 -45.36 4.02 -16.58
C ALA B 138 -44.59 3.51 -17.79
N ASP B 139 -43.45 2.87 -17.51
CA ASP B 139 -42.47 2.44 -18.50
C ASP B 139 -42.26 0.92 -18.52
N GLY B 140 -43.24 0.16 -18.03
CA GLY B 140 -43.11 -1.27 -17.97
C GLY B 140 -42.21 -1.77 -16.85
N ASN B 141 -41.55 -0.87 -16.13
CA ASN B 141 -40.68 -1.25 -15.02
C ASN B 141 -41.43 -1.15 -13.71
N GLN B 142 -41.08 -2.03 -12.78
CA GLN B 142 -41.62 -2.00 -11.43
C GLN B 142 -40.58 -1.33 -10.54
N TYR B 143 -40.97 -0.26 -9.85
CA TYR B 143 -40.04 0.51 -9.03
C TYR B 143 -40.35 0.32 -7.54
N ALA B 144 -39.30 0.18 -6.74
CA ALA B 144 -39.42 0.12 -5.29
C ALA B 144 -38.32 0.95 -4.67
N VAL B 145 -38.62 1.53 -3.51
CA VAL B 145 -37.65 2.28 -2.73
C VAL B 145 -37.41 1.54 -1.42
N GLU B 146 -36.14 1.26 -1.15
CA GLU B 146 -35.69 0.62 0.06
C GLU B 146 -34.72 1.60 0.73
N ILE B 147 -34.92 1.83 2.01
CA ILE B 147 -34.09 2.79 2.74
C ILE B 147 -32.75 2.14 3.04
N ALA B 148 -31.70 2.96 2.98
CA ALA B 148 -30.32 2.54 3.23
C ALA B 148 -29.68 3.47 4.24
N ASP B 149 -28.94 2.90 5.19
CA ASP B 149 -28.21 3.69 6.18
C ASP B 149 -26.97 4.35 5.56
N ARG B 150 -27.07 5.62 5.17
CA ARG B 150 -25.91 6.41 4.75
C ARG B 150 -25.47 7.40 5.83
N HIS B 151 -26.00 7.27 7.05
CA HIS B 151 -25.63 8.13 8.18
C HIS B 151 -24.10 8.13 8.32
N ASP B 152 -23.56 6.93 8.48
CA ASP B 152 -22.13 6.72 8.68
C ASP B 152 -21.32 6.94 7.39
N ILE B 153 -21.91 6.67 6.22
CA ILE B 153 -21.16 6.79 4.97
C ILE B 153 -20.86 8.25 4.64
N SER B 154 -21.83 9.14 4.80
CA SER B 154 -21.56 10.53 4.45
C SER B 154 -20.60 11.16 5.46
N LEU B 155 -20.77 10.82 6.74
CA LEU B 155 -19.85 11.28 7.78
C LEU B 155 -18.43 10.82 7.50
N SER B 156 -18.26 9.59 7.00
CA SER B 156 -16.94 9.13 6.60
C SER B 156 -16.37 10.02 5.50
N ALA B 157 -17.18 10.30 4.46
CA ALA B 157 -16.68 11.12 3.35
C ALA B 157 -16.31 12.52 3.84
N THR B 158 -17.00 13.01 4.86
CA THR B 158 -16.66 14.30 5.43
C THR B 158 -15.31 14.25 6.14
N GLN B 159 -15.09 13.22 6.97
CA GLN B 159 -13.81 13.09 7.67
C GLN B 159 -12.65 12.94 6.70
N ILE B 160 -12.85 12.19 5.61
CA ILE B 160 -11.77 11.96 4.65
C ILE B 160 -11.35 13.27 3.99
N ARG B 161 -12.32 14.06 3.52
CA ARG B 161 -12.00 15.38 2.97
C ARG B 161 -11.38 16.28 4.04
N GLU B 162 -11.76 16.12 5.31
CA GLU B 162 -11.24 16.99 6.37
C GLU B 162 -9.78 16.68 6.69
N ASN B 163 -9.40 15.41 6.67
CA ASN B 163 -8.02 15.03 6.94
C ASN B 163 -7.74 13.71 6.23
N PRO B 164 -7.32 13.78 4.97
CA PRO B 164 -7.18 12.54 4.17
C PRO B 164 -6.10 11.60 4.68
N GLN B 165 -4.98 12.13 5.19
CA GLN B 165 -3.91 11.25 5.64
C GLN B 165 -4.35 10.37 6.79
N GLU B 166 -5.32 10.83 7.59
CA GLU B 166 -5.78 10.04 8.73
C GLU B 166 -6.66 8.87 8.31
N HIS B 167 -7.40 8.99 7.21
CA HIS B 167 -8.33 7.95 6.79
C HIS B 167 -7.90 7.30 5.47
N TRP B 168 -6.60 7.36 5.20
CA TRP B 168 -6.05 7.00 3.90
C TRP B 168 -6.43 5.59 3.48
N THR B 169 -6.26 4.61 4.37
CA THR B 169 -6.55 3.21 4.03
C THR B 169 -7.98 3.01 3.54
N HIS B 170 -8.89 3.93 3.86
CA HIS B 170 -10.27 3.81 3.44
C HIS B 170 -10.55 4.46 2.10
N ILE B 171 -9.68 5.36 1.63
CA ILE B 171 -9.88 6.00 0.34
C ILE B 171 -9.68 4.98 -0.76
N ASN B 172 -10.63 4.95 -1.70
CA ASN B 172 -10.50 4.06 -2.84
C ASN B 172 -9.22 4.37 -3.62
N ARG B 173 -8.51 3.32 -4.02
CA ARG B 173 -7.14 3.51 -4.54
C ARG B 173 -7.09 4.47 -5.71
N VAL B 174 -8.05 4.40 -6.64
CA VAL B 174 -8.09 5.33 -7.77
C VAL B 174 -8.10 6.77 -7.28
N PHE B 175 -8.84 7.06 -6.21
CA PHE B 175 -8.90 8.44 -5.70
C PHE B 175 -7.66 8.85 -4.90
N ARG B 176 -6.84 7.91 -4.45
CA ARG B 176 -5.71 8.31 -3.60
C ARG B 176 -4.72 9.17 -4.34
N ARG B 177 -4.59 8.99 -5.66
CA ARG B 177 -3.73 9.81 -6.51
C ARG B 177 -3.89 11.28 -6.16
N HIS B 178 -5.13 11.69 -5.87
CA HIS B 178 -5.48 13.08 -5.68
C HIS B 178 -5.16 13.60 -4.28
N PHE B 179 -5.12 12.74 -3.26
CA PHE B 179 -4.98 13.21 -1.88
C PHE B 179 -3.57 13.09 -1.32
N SER B 180 -2.60 12.63 -2.10
CA SER B 180 -1.27 12.40 -1.55
C SER B 180 -0.57 13.70 -1.23
N LYS B 181 -0.01 13.80 -0.02
CA LYS B 181 0.96 14.86 0.25
C LYS B 181 2.24 14.52 -0.49
N VAL B 182 2.97 15.56 -0.94
CA VAL B 182 4.14 15.38 -1.79
C VAL B 182 5.29 16.25 -1.28
N VAL B 183 6.42 15.63 -0.98
CA VAL B 183 7.67 16.32 -0.64
C VAL B 183 8.65 16.11 -1.79
N THR B 184 9.21 17.20 -2.32
CA THR B 184 10.16 17.19 -3.42
C THR B 184 11.48 17.80 -2.97
N VAL B 185 12.58 17.09 -3.21
CA VAL B 185 13.92 17.56 -2.84
C VAL B 185 14.60 18.15 -4.06
N MET B 186 15.24 19.30 -3.88
CA MET B 186 15.87 20.00 -4.98
C MET B 186 17.29 20.38 -4.60
N GLY B 187 18.20 20.28 -5.56
CA GLY B 187 19.56 20.69 -5.29
C GLY B 187 20.53 20.13 -6.30
N SER B 188 21.71 20.73 -6.33
CA SER B 188 22.74 20.30 -7.24
C SER B 188 23.12 18.86 -6.95
N ALA B 189 23.80 18.25 -7.91
CA ALA B 189 24.24 16.88 -7.72
C ALA B 189 25.42 16.85 -6.74
N SER B 190 25.70 15.65 -6.23
CA SER B 190 26.78 15.39 -5.28
C SER B 190 26.69 16.34 -4.09
N THR B 191 25.47 16.47 -3.57
CA THR B 191 25.12 17.34 -2.45
C THR B 191 24.45 16.62 -1.29
N GLY B 192 24.24 15.30 -1.38
CA GLY B 192 23.58 14.52 -0.35
C GLY B 192 22.11 14.25 -0.61
N LYS B 193 21.58 14.80 -1.71
CA LYS B 193 20.16 14.80 -2.03
C LYS B 193 19.55 13.41 -2.03
N THR B 194 20.24 12.43 -2.61
CA THR B 194 19.66 11.10 -2.74
C THR B 194 19.56 10.39 -1.40
N THR B 195 20.65 10.43 -0.60
CA THR B 195 20.58 9.83 0.73
C THR B 195 19.47 10.46 1.56
N LEU B 196 19.35 11.79 1.48
CA LEU B 196 18.30 12.45 2.23
C LEU B 196 16.94 11.91 1.84
N VAL B 197 16.66 11.86 0.54
CA VAL B 197 15.37 11.36 0.07
C VAL B 197 15.12 9.97 0.64
N ARG B 198 16.11 9.09 0.51
CA ARG B 198 15.93 7.72 0.97
C ARG B 198 15.62 7.66 2.47
N ARG B 199 16.37 8.42 3.28
CA ARG B 199 16.20 8.25 4.72
C ARG B 199 14.88 8.86 5.21
N LEU B 200 14.47 10.02 4.68
CA LEU B 200 13.16 10.58 5.00
C LEU B 200 12.06 9.57 4.70
N ALA B 201 12.02 9.06 3.47
CA ALA B 201 10.93 8.16 3.11
C ALA B 201 10.96 6.90 3.95
N ARG B 202 12.12 6.25 4.04
N ARG B 202 12.12 6.25 4.07
CA ARG B 202 12.23 5.06 4.89
CA ARG B 202 12.22 5.05 4.88
C ARG B 202 11.78 5.37 6.31
C ARG B 202 12.03 5.33 6.36
N SER B 203 12.00 6.61 6.78
CA SER B 203 11.69 6.95 8.17
C SER B 203 10.25 6.64 8.53
N ILE B 204 9.34 6.87 7.59
CA ILE B 204 7.90 6.72 7.78
C ILE B 204 7.31 5.71 6.81
N ASN B 205 8.16 4.83 6.27
CA ASN B 205 7.69 3.79 5.37
C ASN B 205 7.04 4.36 4.11
N ALA B 206 7.53 5.51 3.67
CA ALA B 206 7.02 6.21 2.50
C ALA B 206 7.75 5.77 1.25
N PRO B 207 7.09 5.89 0.09
CA PRO B 207 7.76 5.62 -1.18
C PRO B 207 8.51 6.85 -1.71
N PHE B 208 9.54 6.58 -2.52
CA PHE B 208 10.37 7.67 -3.04
C PHE B 208 10.83 7.38 -4.46
N SER B 209 11.18 8.45 -5.17
CA SER B 209 11.67 8.37 -6.53
C SER B 209 13.17 8.65 -6.57
N GLU B 210 13.77 8.29 -7.71
CA GLU B 210 15.19 8.49 -7.98
C GLU B 210 15.36 9.67 -8.93
N GLU B 211 16.52 10.34 -8.86
CA GLU B 211 16.81 11.38 -9.84
C GLU B 211 16.88 10.73 -11.21
N TYR B 212 16.04 11.22 -12.14
CA TYR B 212 15.94 10.55 -13.44
C TYR B 212 17.17 10.80 -14.33
N ALA B 213 17.77 11.99 -14.25
CA ALA B 213 18.93 12.29 -15.07
C ALA B 213 20.06 11.29 -14.86
N ARG B 214 20.24 10.82 -13.63
CA ARG B 214 21.21 9.79 -13.33
C ARG B 214 21.01 8.54 -14.19
N GLU B 215 19.79 8.03 -14.27
CA GLU B 215 19.53 6.79 -15.00
C GLU B 215 19.66 7.04 -16.49
N TYR B 216 19.20 8.21 -16.94
CA TYR B 216 19.32 8.60 -18.33
C TYR B 216 20.80 8.65 -18.77
N GLU B 217 21.63 9.34 -18.00
CA GLU B 217 23.01 9.50 -18.42
C GLU B 217 23.79 8.19 -18.37
N GLU B 218 23.41 7.26 -17.49
CA GLU B 218 24.11 5.97 -17.50
C GLU B 218 23.60 5.10 -18.62
N ALA B 219 22.27 5.07 -18.79
CA ALA B 219 21.67 4.27 -19.83
C ALA B 219 22.19 4.66 -21.20
N PHE B 220 22.37 5.96 -21.43
CA PHE B 220 22.77 6.47 -22.73
C PHE B 220 24.24 6.85 -22.77
N ASN B 221 24.92 6.74 -21.64
CA ASN B 221 26.37 6.84 -21.59
C ASN B 221 26.83 8.19 -22.10
N ILE B 222 26.29 9.25 -21.49
CA ILE B 222 26.71 10.60 -21.81
C ILE B 222 26.85 11.38 -20.51
N ASP B 223 27.77 12.35 -20.51
CA ASP B 223 28.09 13.19 -19.37
C ASP B 223 27.22 14.43 -19.45
N ASP B 224 27.31 15.29 -18.41
CA ASP B 224 26.41 16.44 -18.29
C ASP B 224 26.59 17.40 -19.46
N ASP B 225 27.85 17.71 -19.79
CA ASP B 225 28.14 18.68 -20.85
C ASP B 225 27.73 18.17 -22.24
N GLU B 226 27.48 16.87 -22.40
CA GLU B 226 27.14 16.34 -23.72
C GLU B 226 25.65 16.37 -24.01
N LEU B 227 24.81 16.70 -23.03
CA LEU B 227 23.38 16.74 -23.23
C LEU B 227 23.01 17.86 -24.21
N LYS B 228 22.10 17.56 -25.12
CA LYS B 228 21.57 18.58 -26.01
C LYS B 228 20.12 18.86 -25.62
N MET B 229 19.46 19.75 -26.37
CA MET B 229 18.10 20.16 -26.07
C MET B 229 17.16 18.96 -25.92
N ASP B 230 17.15 18.07 -26.91
CA ASP B 230 16.25 16.93 -26.89
C ASP B 230 16.44 16.08 -25.62
N ASP B 231 17.66 16.03 -25.10
CA ASP B 231 17.92 15.25 -23.90
C ASP B 231 17.16 15.83 -22.71
N TYR B 232 17.20 17.15 -22.54
CA TYR B 232 16.43 17.77 -21.46
C TYR B 232 14.95 17.45 -21.57
N ALA B 233 14.38 17.58 -22.77
CA ALA B 233 12.97 17.24 -22.97
C ALA B 233 12.66 15.81 -22.54
N ARG B 234 13.57 14.88 -22.82
CA ARG B 234 13.33 13.51 -22.38
C ARG B 234 13.49 13.37 -20.87
N MET B 235 14.34 14.20 -20.25
CA MET B 235 14.46 14.16 -18.80
C MET B 235 13.25 14.79 -18.12
N ILE B 236 12.62 15.77 -18.75
CA ILE B 236 11.41 16.37 -18.17
C ILE B 236 10.32 15.32 -18.03
N THR B 237 9.89 14.75 -19.16
CA THR B 237 8.80 13.79 -19.10
C THR B 237 9.23 12.53 -18.35
N GLY B 238 10.52 12.22 -18.36
CA GLY B 238 10.99 11.01 -17.67
C GLY B 238 11.00 11.15 -16.17
N GLN B 239 11.40 12.32 -15.66
CA GLN B 239 11.31 12.56 -14.22
C GLN B 239 9.85 12.65 -13.79
N TYR B 240 9.00 13.26 -14.61
CA TYR B 240 7.60 13.41 -14.23
C TYR B 240 6.93 12.05 -14.11
N ASP B 241 7.05 11.23 -15.16
CA ASP B 241 6.47 9.89 -15.12
C ASP B 241 6.99 9.12 -13.91
N ALA B 242 8.28 9.28 -13.59
CA ALA B 242 8.85 8.59 -12.44
C ALA B 242 8.24 9.08 -11.14
N ASN B 243 8.13 10.40 -10.98
CA ASN B 243 7.50 10.97 -9.80
C ASN B 243 6.03 10.61 -9.74
N SER B 244 5.33 10.75 -10.88
CA SER B 244 3.93 10.36 -10.96
C SER B 244 3.74 8.89 -10.62
N ARG B 245 4.74 8.06 -10.89
CA ARG B 245 4.58 6.64 -10.61
C ARG B 245 4.56 6.40 -9.11
N GLU B 246 5.36 7.15 -8.35
CA GLU B 246 5.38 6.97 -6.90
C GLU B 246 4.11 7.53 -6.27
N VAL B 247 3.71 8.74 -6.67
CA VAL B 247 2.44 9.30 -6.17
C VAL B 247 1.32 8.29 -6.30
N ASN B 248 1.30 7.54 -7.40
CA ASN B 248 0.22 6.60 -7.67
C ASN B 248 0.60 5.21 -7.23
N SER B 249 1.68 5.08 -6.49
CA SER B 249 2.17 3.77 -6.08
C SER B 249 1.19 3.13 -5.10
N PRO B 250 0.90 1.84 -5.25
CA PRO B 250 0.09 1.16 -4.22
C PRO B 250 0.76 1.14 -2.87
N ALA B 251 2.06 1.36 -2.82
CA ALA B 251 2.83 1.46 -1.60
C ALA B 251 2.72 2.82 -0.93
N ASN B 252 2.11 3.80 -1.60
CA ASN B 252 1.94 5.11 -1.00
C ASN B 252 0.97 5.00 0.18
N GLN B 253 1.39 5.50 1.34
CA GLN B 253 0.57 5.47 2.53
C GLN B 253 -0.07 6.81 2.83
N GLY B 254 0.17 7.82 1.98
CA GLY B 254 -0.38 9.14 2.14
C GLY B 254 0.62 10.23 1.81
N ILE B 255 1.90 9.89 1.80
CA ILE B 255 2.95 10.85 1.49
C ILE B 255 4.03 10.14 0.69
N VAL B 256 4.57 10.83 -0.33
CA VAL B 256 5.69 10.37 -1.14
C VAL B 256 6.78 11.43 -1.18
N PHE B 257 7.99 10.97 -1.48
CA PHE B 257 9.17 11.83 -1.59
C PHE B 257 9.77 11.75 -2.99
N LEU B 258 10.10 12.92 -3.54
CA LEU B 258 10.50 13.03 -4.93
C LEU B 258 11.92 13.62 -5.04
N ASP B 259 12.78 12.91 -5.77
CA ASP B 259 14.18 13.31 -5.97
C ASP B 259 14.25 14.15 -7.25
N THR B 260 14.11 15.46 -7.09
CA THR B 260 14.07 16.51 -8.12
C THR B 260 12.81 16.45 -8.98
N ASP B 261 12.60 17.52 -9.75
CA ASP B 261 11.39 17.67 -10.55
C ASP B 261 11.78 18.47 -11.78
N ALA B 262 10.77 19.05 -12.46
CA ALA B 262 11.02 19.81 -13.69
C ALA B 262 11.76 21.10 -13.42
N ILE B 263 11.47 21.75 -12.29
CA ILE B 263 12.15 23.01 -11.95
C ILE B 263 13.66 22.80 -11.86
N VAL B 264 14.09 21.72 -11.19
CA VAL B 264 15.51 21.38 -11.15
C VAL B 264 16.07 21.25 -12.56
N THR B 265 15.44 20.42 -13.40
CA THR B 265 15.89 20.26 -14.78
C THR B 265 15.89 21.61 -15.50
N ARG B 266 14.87 22.43 -15.25
CA ARG B 266 14.79 23.73 -15.90
C ARG B 266 15.86 24.68 -15.41
N VAL B 267 16.36 24.47 -14.19
CA VAL B 267 17.52 25.26 -13.75
C VAL B 267 18.73 24.87 -14.56
N TYR B 268 18.93 23.57 -14.73
CA TYR B 268 20.03 23.07 -15.53
C TYR B 268 19.90 23.47 -16.99
N ALA B 269 18.69 23.40 -17.54
CA ALA B 269 18.51 23.75 -18.95
C ALA B 269 18.81 25.22 -19.21
N LYS B 270 18.33 26.13 -18.35
CA LYS B 270 18.60 27.55 -18.50
C LYS B 270 20.10 27.86 -18.43
N LEU B 271 20.82 27.13 -17.57
CA LEU B 271 22.23 27.41 -17.34
C LEU B 271 23.13 26.84 -18.44
N TYR B 272 22.76 25.71 -19.06
CA TYR B 272 23.64 25.01 -19.99
C TYR B 272 23.09 24.93 -21.40
N LEU B 273 21.85 25.29 -21.63
CA LEU B 273 21.51 25.24 -23.05
C LEU B 273 21.70 26.61 -23.69
N PRO B 274 21.93 26.65 -25.00
CA PRO B 274 21.82 27.92 -25.73
C PRO B 274 20.45 28.55 -25.49
N LYS B 275 20.44 29.88 -25.51
CA LYS B 275 19.20 30.62 -25.27
C LYS B 275 18.08 30.13 -26.19
N GLU B 276 18.40 29.79 -27.44
CA GLU B 276 17.38 29.43 -28.43
C GLU B 276 16.70 28.11 -28.11
N ASP B 277 17.47 27.10 -27.68
CA ASP B 277 16.88 25.79 -27.38
C ASP B 277 16.10 25.80 -26.09
N PHE B 278 16.53 26.61 -25.11
CA PHE B 278 15.75 26.79 -23.90
C PHE B 278 14.40 27.39 -24.22
N GLU B 279 14.37 28.42 -25.09
CA GLU B 279 13.09 29.02 -25.48
C GLU B 279 12.10 27.97 -25.99
N GLN B 280 12.60 26.91 -26.61
CA GLN B 280 11.76 25.91 -27.28
C GLN B 280 11.19 24.88 -26.30
N LEU B 281 11.95 24.54 -25.25
CA LEU B 281 11.43 23.68 -24.19
C LEU B 281 10.48 24.41 -23.26
N GLU B 282 10.49 25.74 -23.28
CA GLU B 282 9.64 26.52 -22.37
C GLU B 282 8.19 26.03 -22.32
N PRO B 283 7.50 25.78 -23.44
CA PRO B 283 6.13 25.27 -23.32
C PRO B 283 6.04 23.95 -22.58
N LEU B 284 6.95 23.02 -22.86
CA LEU B 284 6.92 21.73 -22.16
C LEU B 284 7.25 21.93 -20.68
N PHE B 285 8.16 22.85 -20.38
CA PHE B 285 8.43 23.18 -18.98
C PHE B 285 7.17 23.68 -18.29
N ARG B 286 6.55 24.75 -18.83
CA ARG B 286 5.35 25.32 -18.23
C ARG B 286 4.29 24.26 -17.97
N LYS B 287 4.01 23.42 -18.97
CA LYS B 287 2.98 22.39 -18.85
C LYS B 287 3.30 21.43 -17.71
N THR B 288 4.53 20.92 -17.66
CA THR B 288 4.90 19.92 -16.67
C THR B 288 4.92 20.50 -15.25
N ILE B 289 5.55 21.66 -15.08
CA ILE B 289 5.63 22.25 -13.75
C ILE B 289 4.23 22.50 -13.20
N ALA B 290 3.28 22.88 -14.07
CA ALA B 290 1.89 23.10 -13.66
C ALA B 290 1.23 21.82 -13.19
N ASP B 291 1.60 20.68 -13.77
CA ASP B 291 1.05 19.39 -13.39
C ASP B 291 1.67 18.84 -12.12
N GLU B 292 2.56 19.60 -11.48
CA GLU B 292 3.28 19.18 -10.28
C GLU B 292 2.62 19.78 -9.04
N ARG B 293 2.02 18.91 -8.22
CA ARG B 293 1.46 19.27 -6.92
C ARG B 293 2.52 18.99 -5.86
N MET B 294 3.02 20.04 -5.20
CA MET B 294 4.03 19.91 -4.16
C MET B 294 3.56 20.60 -2.87
N ASP B 295 3.79 19.94 -1.74
CA ASP B 295 3.41 20.43 -0.42
C ASP B 295 4.59 20.99 0.38
N LEU B 296 5.78 20.42 0.19
CA LEU B 296 6.99 20.91 0.84
C LEU B 296 8.11 20.75 -0.18
N ILE B 297 8.91 21.80 -0.35
CA ILE B 297 10.07 21.74 -1.24
C ILE B 297 11.30 21.92 -0.36
N LEU B 298 12.09 20.87 -0.25
CA LEU B 298 13.34 20.89 0.49
C LEU B 298 14.47 21.23 -0.48
N VAL B 299 15.20 22.29 -0.19
CA VAL B 299 16.34 22.70 -1.01
C VAL B 299 17.60 22.47 -0.20
N ILE B 300 18.56 21.78 -0.80
CA ILE B 300 19.87 21.57 -0.18
C ILE B 300 20.82 22.64 -0.74
N PRO B 301 21.35 23.51 0.11
CA PRO B 301 22.16 24.59 -0.38
C PRO B 301 23.57 24.10 -0.61
N PRO B 302 24.42 24.91 -1.23
CA PRO B 302 25.81 24.49 -1.44
C PRO B 302 26.54 24.38 -0.11
N ILE B 303 27.39 23.36 0.00
CA ILE B 303 28.37 23.27 1.07
C ILE B 303 29.61 22.64 0.44
N THR B 304 30.77 22.87 1.04
CA THR B 304 32.02 22.34 0.50
C THR B 304 32.16 20.86 0.85
N GLU B 305 31.15 20.10 0.40
CA GLU B 305 31.04 18.66 0.65
C GLU B 305 31.14 17.89 -0.67
N PHE B 311 27.39 7.92 -8.08
CA PHE B 311 27.57 8.46 -9.42
C PHE B 311 28.14 9.87 -9.36
N ARG B 312 29.03 10.18 -10.30
CA ARG B 312 29.67 11.49 -10.36
C ARG B 312 29.09 12.24 -11.54
N HIS B 313 28.22 13.21 -11.25
CA HIS B 313 27.89 14.23 -12.23
C HIS B 313 29.13 15.10 -12.41
N MET B 314 29.93 14.83 -13.44
CA MET B 314 31.23 15.48 -13.58
C MET B 314 31.09 17.00 -13.60
N GLU B 315 30.07 17.52 -14.30
CA GLU B 315 29.93 18.96 -14.52
C GLU B 315 28.85 19.60 -13.66
N TRP B 316 27.81 18.86 -13.24
CA TRP B 316 26.74 19.39 -12.38
C TRP B 316 27.17 19.64 -10.90
N GLU B 317 28.45 19.61 -10.58
CA GLU B 317 28.97 20.08 -9.29
C GLU B 317 29.67 21.43 -9.44
N GLU B 318 29.75 21.94 -10.66
CA GLU B 318 30.35 23.24 -10.92
C GLU B 318 29.48 24.35 -10.40
N SER B 319 30.11 25.30 -9.73
CA SER B 319 29.47 26.54 -9.30
C SER B 319 28.08 26.25 -8.72
N ARG B 320 28.11 25.51 -7.61
CA ARG B 320 26.87 25.21 -6.91
C ARG B 320 26.17 26.49 -6.48
N HIS B 321 26.94 27.53 -6.14
CA HIS B 321 26.33 28.84 -5.89
C HIS B 321 25.62 29.38 -7.13
N GLU B 322 26.18 29.14 -8.32
CA GLU B 322 25.48 29.52 -9.55
C GLU B 322 24.17 28.76 -9.73
N PHE B 323 24.18 27.45 -9.48
CA PHE B 323 22.97 26.65 -9.55
C PHE B 323 21.98 27.05 -8.47
N HIS B 324 22.46 27.17 -7.24
CA HIS B 324 21.55 27.44 -6.14
C HIS B 324 20.86 28.79 -6.31
N GLU B 325 21.58 29.80 -6.82
CA GLU B 325 20.95 31.10 -7.02
C GLU B 325 19.87 31.03 -8.08
N GLU B 326 20.18 30.47 -9.26
CA GLU B 326 19.17 30.34 -10.30
C GLU B 326 17.98 29.53 -9.84
N LEU B 327 18.22 28.52 -8.99
CA LEU B 327 17.11 27.72 -8.49
C LEU B 327 16.18 28.57 -7.66
N MET B 328 16.74 29.40 -6.77
CA MET B 328 15.89 30.26 -5.95
C MET B 328 15.15 31.26 -6.82
N ARG B 329 15.80 31.77 -7.86
CA ARG B 329 15.13 32.65 -8.82
C ARG B 329 13.88 31.98 -9.36
N GLN B 330 13.99 30.75 -9.84
CA GLN B 330 12.88 30.14 -10.55
C GLN B 330 11.77 29.74 -9.59
N LEU B 331 12.13 29.28 -8.39
CA LEU B 331 11.12 29.00 -7.38
C LEU B 331 10.27 30.22 -7.10
N ALA B 332 10.91 31.40 -7.10
CA ALA B 332 10.18 32.66 -7.02
C ALA B 332 9.35 32.89 -8.27
N GLU B 333 9.96 32.65 -9.45
CA GLU B 333 9.27 32.82 -10.73
C GLU B 333 7.94 32.05 -10.76
N PHE B 334 7.88 30.89 -10.10
CA PHE B 334 6.68 30.05 -10.10
C PHE B 334 5.88 30.15 -8.82
N GLY B 335 6.12 31.18 -7.99
CA GLY B 335 5.39 31.40 -6.76
C GLY B 335 5.33 30.21 -5.81
N LEU B 336 6.49 29.60 -5.56
CA LEU B 336 6.57 28.43 -4.70
C LEU B 336 7.32 28.72 -3.40
N LEU B 337 7.70 29.96 -3.15
CA LEU B 337 8.54 30.21 -2.00
C LEU B 337 7.86 29.83 -0.69
N ASP B 338 6.54 29.94 -0.62
N ASP B 338 6.52 29.92 -0.65
CA ASP B 338 5.84 29.62 0.62
CA ASP B 338 5.79 29.61 0.57
C ASP B 338 5.89 28.13 0.95
C ASP B 338 5.81 28.11 0.91
N LYS B 339 6.28 27.27 0.00
CA LYS B 339 6.41 25.84 0.21
C LYS B 339 7.86 25.39 0.40
N VAL B 340 8.83 26.34 0.42
CA VAL B 340 10.26 26.04 0.36
C VAL B 340 10.88 26.13 1.74
N VAL B 341 11.80 25.19 2.02
CA VAL B 341 12.60 25.13 3.23
C VAL B 341 14.03 24.82 2.82
N ILE B 342 14.97 25.64 3.27
CA ILE B 342 16.37 25.48 2.92
C ILE B 342 17.10 24.83 4.10
N LEU B 343 17.86 23.78 3.82
CA LEU B 343 18.49 23.01 4.89
C LEU B 343 19.90 23.54 5.14
N ASP B 344 19.94 24.80 5.64
CA ASP B 344 21.20 25.50 5.89
C ASP B 344 21.70 25.21 7.31
N ASP B 345 22.16 23.97 7.48
CA ASP B 345 22.73 23.46 8.71
C ASP B 345 24.04 22.77 8.40
N GLU B 346 24.43 21.78 9.22
CA GLU B 346 25.74 21.14 9.14
C GLU B 346 26.86 22.17 9.23
N GLY B 347 26.90 22.86 10.36
CA GLY B 347 27.80 23.98 10.53
C GLY B 347 27.16 25.15 9.83
N ASP B 348 25.91 25.45 10.18
CA ASP B 348 25.15 26.51 9.53
C ASP B 348 25.93 27.82 9.51
N HIS B 349 26.42 28.21 8.32
CA HIS B 349 26.91 29.57 8.17
C HIS B 349 25.78 30.58 8.35
N ARG B 350 24.52 30.12 8.29
CA ARG B 350 23.38 31.01 8.47
C ARG B 350 23.11 31.28 9.95
N ASP B 351 22.69 30.26 10.69
CA ASP B 351 22.19 30.51 12.03
C ASP B 351 22.54 29.38 12.99
N GLN B 352 22.79 29.77 14.26
CA GLN B 352 22.73 28.86 15.40
C GLN B 352 21.29 28.56 15.83
N GLU B 353 20.30 29.13 15.15
CA GLU B 353 18.89 28.80 15.31
C GLU B 353 18.59 27.55 14.50
N GLY B 354 19.63 26.76 14.27
CA GLY B 354 19.57 25.62 13.38
C GLY B 354 19.42 24.30 14.13
N TYR B 355 19.09 23.30 13.33
CA TYR B 355 18.90 21.93 13.80
C TYR B 355 20.26 21.26 13.91
N LEU B 356 20.26 20.07 14.50
CA LEU B 356 21.54 19.38 14.69
C LEU B 356 22.16 18.99 13.35
N THR B 357 21.36 18.44 12.45
CA THR B 357 21.84 17.93 11.19
C THR B 357 20.87 18.36 10.11
N ARG B 358 21.32 18.23 8.87
CA ARG B 358 20.46 18.50 7.73
C ARG B 358 19.18 17.65 7.79
N TYR B 359 19.29 16.41 8.27
CA TYR B 359 18.16 15.47 8.30
C TYR B 359 17.18 15.82 9.41
N HIS B 360 17.70 16.27 10.56
CA HIS B 360 16.82 16.72 11.62
C HIS B 360 15.93 17.85 11.11
N HIS B 361 16.54 18.85 10.47
CA HIS B 361 15.78 19.96 9.91
C HIS B 361 14.72 19.47 8.95
N ALA B 362 15.10 18.53 8.05
CA ALA B 362 14.19 18.08 7.01
C ALA B 362 13.02 17.30 7.61
N ILE B 363 13.31 16.35 8.50
CA ILE B 363 12.23 15.49 9.04
C ILE B 363 11.28 16.32 9.91
N ASP B 364 11.78 17.43 10.47
CA ASP B 364 10.88 18.34 11.16
C ASP B 364 10.01 19.11 10.17
N ALA B 365 10.60 19.55 9.06
CA ALA B 365 9.82 20.23 8.02
C ALA B 365 8.72 19.35 7.49
N VAL B 366 9.00 18.05 7.36
CA VAL B 366 7.97 17.13 6.91
C VAL B 366 6.78 17.15 7.85
N HIS B 367 7.03 17.18 9.17
CA HIS B 367 5.93 17.23 10.11
C HIS B 367 5.18 18.56 10.03
N GLU B 368 5.89 19.69 9.95
CA GLU B 368 5.18 20.97 9.91
C GLU B 368 4.34 21.11 8.65
N TYR B 369 4.73 20.48 7.53
CA TYR B 369 4.01 20.70 6.27
C TYR B 369 3.06 19.56 5.92
N THR B 370 3.22 18.36 6.50
CA THR B 370 2.36 17.23 6.12
C THR B 370 1.62 16.57 7.29
N GLY B 371 2.03 16.77 8.53
CA GLY B 371 1.26 16.32 9.68
C GLY B 371 1.48 14.91 10.19
N VAL B 372 2.52 14.19 9.74
CA VAL B 372 2.76 12.80 10.16
C VAL B 372 3.60 12.76 11.45
N LYS B 373 3.33 11.79 12.32
CA LYS B 373 4.02 11.71 13.62
C LYS B 373 5.46 11.21 13.46
N ILE B 374 6.36 11.75 14.28
CA ILE B 374 7.80 11.48 14.20
C ILE B 374 8.36 11.32 15.63
N GLU B 375 9.11 10.24 15.87
CA GLU B 375 9.76 9.98 17.16
C GLU B 375 11.01 10.84 17.31
N ARG B 376 11.73 10.65 18.42
CA ARG B 376 12.92 11.46 18.70
C ARG B 376 13.84 10.77 19.69
N LEU B 377 15.14 10.78 19.38
CA LEU B 377 16.23 10.17 20.13
C LEU B 377 17.09 11.17 20.89
N SER B 378 17.35 12.31 20.28
CA SER B 378 18.28 13.29 20.82
C SER B 378 17.55 14.17 21.82
#